data_6DPT
#
_entry.id   6DPT
#
_cell.length_a   98.166
_cell.length_b   77.557
_cell.length_c   115.510
_cell.angle_alpha   90.000
_cell.angle_beta   113.040
_cell.angle_gamma   90.000
#
_symmetry.space_group_name_H-M   'I 1 2 1'
#
loop_
_entity.id
_entity.type
_entity.pdbx_description
1 polymer Beta-lactamase
2 non-polymer 3-chloro-2-hydroxy-N-{2-[(4-methyl-4H-1,2,4-triazol-3-yl)sulfanyl]phenyl}benzene-1-sulfonamide
3 water water
#
_entity_poly.entity_id   1
_entity_poly.type   'polypeptide(L)'
_entity_poly.pdbx_seq_one_letter_code
;APQQINDIVHRTITPLIEQQKIPGMAVAVIYQGKPYYFTWGYADIAKKQPVTQQTLFELGSVSKTFTGVLGGDAIARGEI
KLSDPTTKYWPELTAKQWNGITLLHLATYTAGGLPLQVPDEVKSSSDLLRFYQNWQPAWAPGTQRLYANSSIGLFGALAV
KPSGLSFEQAMQTRVFQPLKLNHTWINVPPAEEKNYAWGYREGKAVHVSPGALDAEAYGVKSTIEDMARWVQSNLKPLDI
NEKTLQQGIQLAQSRYWQTGDMYQGLGWEMLDWPVNPDSIINGSDNKIALAARPVKAITPPTPAVRASWVHKTGATGGFG
SYVAFIPEKELGIVMLANKNYPNPARVDAAWQILNALQ
;
_entity_poly.pdbx_strand_id   A,B
#
loop_
_chem_comp.id
_chem_comp.type
_chem_comp.name
_chem_comp.formula
H7M non-polymer 3-chloro-2-hydroxy-N-{2-[(4-methyl-4H-1,2,4-triazol-3-yl)sulfanyl]phenyl}benzene-1-sulfonamide 'C15 H13 Cl N4 O3 S2'
#
# COMPACT_ATOMS: atom_id res chain seq x y z
N ALA A 1 32.41 -9.74 -15.86
CA ALA A 1 31.18 -10.02 -16.57
C ALA A 1 31.17 -11.44 -17.13
N PRO A 2 30.23 -12.27 -16.65
CA PRO A 2 30.06 -13.62 -17.21
C PRO A 2 29.94 -13.58 -18.72
N GLN A 3 30.51 -14.59 -19.39
CA GLN A 3 30.56 -14.57 -20.84
C GLN A 3 29.16 -14.57 -21.45
N GLN A 4 28.21 -15.24 -20.80
CA GLN A 4 26.83 -15.24 -21.29
C GLN A 4 26.28 -13.82 -21.39
N ILE A 5 26.46 -13.03 -20.33
CA ILE A 5 25.99 -11.63 -20.36
C ILE A 5 26.71 -10.85 -21.44
N ASN A 6 28.05 -10.95 -21.45
CA ASN A 6 28.82 -10.24 -22.48
C ASN A 6 28.32 -10.59 -23.88
N ASP A 7 28.09 -11.88 -24.14
CA ASP A 7 27.68 -12.28 -25.48
C ASP A 7 26.30 -11.74 -25.83
N ILE A 8 25.30 -11.94 -24.95
CA ILE A 8 23.95 -11.46 -25.30
C ILE A 8 23.93 -9.95 -25.45
N VAL A 9 24.62 -9.22 -24.57
CA VAL A 9 24.59 -7.76 -24.67
C VAL A 9 25.21 -7.30 -25.98
N HIS A 10 26.44 -7.76 -26.27
CA HIS A 10 27.11 -7.31 -27.49
C HIS A 10 26.39 -7.77 -28.75
N ARG A 11 25.85 -8.99 -28.74
CA ARG A 11 25.14 -9.48 -29.93
C ARG A 11 23.85 -8.72 -30.20
N THR A 12 23.29 -8.07 -29.17
CA THR A 12 22.06 -7.30 -29.33
C THR A 12 22.36 -5.82 -29.61
N ILE A 13 23.26 -5.22 -28.84
CA ILE A 13 23.47 -3.77 -28.90
C ILE A 13 24.32 -3.37 -30.11
N THR A 14 25.31 -4.18 -30.49
CA THR A 14 26.13 -3.81 -31.65
C THR A 14 25.30 -3.58 -32.90
N PRO A 15 24.41 -4.49 -33.32
CA PRO A 15 23.58 -4.20 -34.51
C PRO A 15 22.63 -3.04 -34.30
N LEU A 16 22.11 -2.88 -33.09
CA LEU A 16 21.23 -1.75 -32.76
C LEU A 16 21.93 -0.43 -33.01
N ILE A 17 23.17 -0.30 -32.52
CA ILE A 17 23.93 0.93 -32.72
C ILE A 17 24.17 1.19 -34.20
N GLU A 18 24.50 0.14 -34.96
CA GLU A 18 24.73 0.31 -36.39
C GLU A 18 23.44 0.66 -37.12
N GLN A 19 22.34 -0.05 -36.83
CA GLN A 19 21.09 0.19 -37.54
C GLN A 19 20.53 1.57 -37.24
N GLN A 20 20.65 2.04 -36.00
CA GLN A 20 20.05 3.30 -35.61
C GLN A 20 21.01 4.47 -35.69
N LYS A 21 22.29 4.22 -36.00
CA LYS A 21 23.29 5.27 -36.13
C LYS A 21 23.45 6.06 -34.83
N ILE A 22 23.53 5.33 -33.72
CA ILE A 22 23.61 5.92 -32.37
C ILE A 22 25.04 6.34 -32.10
N PRO A 23 25.29 7.63 -31.80
CA PRO A 23 26.69 8.05 -31.60
C PRO A 23 27.35 7.45 -30.36
N GLY A 24 26.64 7.37 -29.25
CA GLY A 24 27.19 6.82 -28.01
C GLY A 24 26.11 6.12 -27.21
N MET A 25 26.52 5.12 -26.44
CA MET A 25 25.56 4.32 -25.68
C MET A 25 26.22 3.74 -24.45
N ALA A 26 25.47 3.69 -23.35
CA ALA A 26 25.88 2.98 -22.15
C ALA A 26 24.77 2.00 -21.77
N VAL A 27 25.15 0.80 -21.35
CA VAL A 27 24.17 -0.21 -20.96
C VAL A 27 24.61 -0.78 -19.61
N ALA A 28 23.64 -1.02 -18.73
CA ALA A 28 23.87 -1.75 -17.50
C ALA A 28 22.89 -2.90 -17.44
N VAL A 29 23.38 -4.09 -17.10
CA VAL A 29 22.54 -5.24 -16.80
C VAL A 29 22.68 -5.55 -15.32
N ILE A 30 21.55 -5.72 -14.64
CA ILE A 30 21.54 -6.17 -13.25
C ILE A 30 21.15 -7.64 -13.27
N TYR A 31 22.06 -8.49 -12.82
CA TYR A 31 21.89 -9.93 -12.90
C TYR A 31 22.20 -10.51 -11.53
N GLN A 32 21.20 -11.16 -10.94
CA GLN A 32 21.30 -11.62 -9.55
C GLN A 32 21.77 -10.48 -8.64
N GLY A 33 21.25 -9.29 -8.88
CA GLY A 33 21.53 -8.14 -8.02
C GLY A 33 22.85 -7.44 -8.25
N LYS A 34 23.71 -7.93 -9.15
CA LYS A 34 24.97 -7.22 -9.38
C LYS A 34 24.93 -6.52 -10.75
N PRO A 35 25.56 -5.33 -10.88
CA PRO A 35 25.52 -4.63 -12.16
C PRO A 35 26.74 -4.93 -13.03
N TYR A 36 26.51 -4.97 -14.33
CA TYR A 36 27.55 -5.14 -15.34
C TYR A 36 27.38 -4.05 -16.39
N TYR A 37 28.48 -3.38 -16.73
CA TYR A 37 28.44 -2.16 -17.52
C TYR A 37 29.08 -2.35 -18.89
N PHE A 38 28.53 -1.65 -19.87
CA PHE A 38 29.00 -1.69 -21.24
C PHE A 38 28.88 -0.29 -21.84
N THR A 39 29.90 0.12 -22.60
CA THR A 39 29.89 1.42 -23.24
C THR A 39 30.39 1.31 -24.68
N TRP A 40 29.84 2.18 -25.54
CA TRP A 40 30.21 2.29 -26.94
C TRP A 40 30.23 3.75 -27.35
N GLY A 41 31.17 4.09 -28.24
CA GLY A 41 31.05 5.32 -29.01
C GLY A 41 31.35 6.59 -28.22
N TYR A 42 30.69 7.68 -28.64
CA TYR A 42 31.11 9.04 -28.31
C TYR A 42 30.03 9.80 -27.55
N ALA A 43 30.44 10.39 -26.44
CA ALA A 43 29.64 11.38 -25.72
C ALA A 43 29.70 12.74 -26.42
N ASP A 44 30.82 13.07 -27.06
CA ASP A 44 31.01 14.34 -27.77
C ASP A 44 31.81 14.01 -29.03
N ILE A 45 31.15 14.03 -30.18
CA ILE A 45 31.81 13.61 -31.42
C ILE A 45 32.91 14.61 -31.79
N ALA A 46 32.62 15.90 -31.64
CA ALA A 46 33.58 16.95 -32.00
C ALA A 46 34.88 16.81 -31.22
N LYS A 47 34.80 16.76 -29.89
CA LYS A 47 35.98 16.69 -29.05
C LYS A 47 36.46 15.25 -28.81
N LYS A 48 35.88 14.29 -29.54
CA LYS A 48 36.30 12.88 -29.50
C LYS A 48 36.29 12.32 -28.08
N GLN A 49 35.29 12.71 -27.30
CA GLN A 49 35.17 12.23 -25.93
C GLN A 49 34.36 10.94 -25.92
N PRO A 50 34.92 9.84 -25.41
CA PRO A 50 34.20 8.56 -25.39
C PRO A 50 33.11 8.55 -24.34
N VAL A 51 32.09 7.72 -24.58
CA VAL A 51 31.15 7.36 -23.52
C VAL A 51 31.89 6.55 -22.47
N THR A 52 31.73 6.92 -21.19
CA THR A 52 32.27 6.14 -20.08
C THR A 52 31.18 5.87 -19.05
N GLN A 53 31.54 5.18 -17.97
CA GLN A 53 30.57 4.93 -16.90
C GLN A 53 30.27 6.18 -16.10
N GLN A 54 30.99 7.29 -16.35
CA GLN A 54 30.77 8.56 -15.69
C GLN A 54 30.05 9.58 -16.59
N THR A 55 29.76 9.23 -17.84
CA THR A 55 29.08 10.12 -18.76
C THR A 55 27.65 10.36 -18.29
N LEU A 56 27.22 11.63 -18.30
CA LEU A 56 25.84 11.99 -18.00
C LEU A 56 25.00 12.02 -19.26
N PHE A 57 23.82 11.41 -19.19
CA PHE A 57 22.85 11.40 -20.29
C PHE A 57 21.57 12.07 -19.82
N GLU A 58 20.84 12.71 -20.74
CA GLU A 58 19.50 13.19 -20.41
C GLU A 58 18.54 12.01 -20.37
N LEU A 59 17.82 11.88 -19.26
CA LEU A 59 16.91 10.75 -19.09
C LEU A 59 15.55 11.00 -19.74
N GLY A 60 15.23 12.24 -20.07
CA GLY A 60 13.88 12.52 -20.57
C GLY A 60 12.85 11.96 -19.62
N SER A 61 11.85 11.24 -20.16
CA SER A 61 10.72 10.85 -19.33
C SER A 61 11.04 9.73 -18.33
N VAL A 62 12.21 9.10 -18.37
CA VAL A 62 12.58 8.27 -17.23
C VAL A 62 12.64 9.11 -15.94
N SER A 63 12.79 10.44 -16.08
CA SER A 63 12.69 11.33 -14.92
C SER A 63 11.38 11.16 -14.18
N LYS A 64 10.31 10.79 -14.88
CA LYS A 64 9.01 10.62 -14.24
C LYS A 64 9.01 9.51 -13.20
N THR A 65 9.91 8.52 -13.31
CA THR A 65 9.98 7.51 -12.26
C THR A 65 10.54 8.12 -10.97
N PHE A 66 11.44 9.10 -11.08
CA PHE A 66 11.92 9.76 -9.88
C PHE A 66 10.84 10.62 -9.26
N THR A 67 10.12 11.37 -10.10
CA THR A 67 9.00 12.18 -9.65
C THR A 67 7.94 11.30 -8.97
N GLY A 68 7.65 10.13 -9.56
CA GLY A 68 6.68 9.22 -8.96
C GLY A 68 7.11 8.72 -7.59
N VAL A 69 8.37 8.33 -7.45
CA VAL A 69 8.87 7.86 -6.16
C VAL A 69 8.92 9.01 -5.14
N LEU A 70 9.32 10.21 -5.56
CA LEU A 70 9.33 11.34 -4.63
C LEU A 70 7.92 11.65 -4.15
N GLY A 71 6.94 11.58 -5.04
CA GLY A 71 5.55 11.69 -4.62
C GLY A 71 5.16 10.59 -3.65
N GLY A 72 5.56 9.36 -3.94
CA GLY A 72 5.30 8.26 -3.02
C GLY A 72 5.92 8.49 -1.66
N ASP A 73 7.14 9.02 -1.63
CA ASP A 73 7.77 9.35 -0.36
C ASP A 73 6.97 10.41 0.40
N ALA A 74 6.40 11.39 -0.32
CA ALA A 74 5.59 12.42 0.33
C ALA A 74 4.33 11.82 0.93
N ILE A 75 3.72 10.86 0.24
CA ILE A 75 2.57 10.13 0.80
C ILE A 75 2.98 9.43 2.08
N ALA A 76 4.09 8.67 2.01
CA ALA A 76 4.55 7.92 3.18
C ALA A 76 4.84 8.85 4.36
N ARG A 77 5.35 10.05 4.07
CA ARG A 77 5.58 11.01 5.15
C ARG A 77 4.30 11.60 5.70
N GLY A 78 3.14 11.31 5.10
CA GLY A 78 1.88 11.90 5.49
C GLY A 78 1.71 13.35 5.06
N GLU A 79 2.55 13.84 4.17
CA GLU A 79 2.46 15.24 3.72
C GLU A 79 1.36 15.45 2.68
N ILE A 80 1.08 14.45 1.84
CA ILE A 80 -0.01 14.51 0.85
C ILE A 80 -0.76 13.18 0.86
N LYS A 81 -1.94 13.18 0.23
CA LYS A 81 -2.70 11.96 -0.06
C LYS A 81 -3.11 11.97 -1.53
N LEU A 82 -3.03 10.81 -2.18
CA LEU A 82 -3.43 10.73 -3.58
C LEU A 82 -4.92 11.01 -3.76
N SER A 83 -5.69 10.80 -2.70
CA SER A 83 -7.14 11.03 -2.77
C SER A 83 -7.53 12.46 -2.41
N ASP A 84 -6.56 13.36 -2.37
CA ASP A 84 -6.82 14.76 -2.05
C ASP A 84 -7.01 15.58 -3.31
N PRO A 85 -7.95 16.54 -3.29
CA PRO A 85 -8.19 17.37 -4.48
C PRO A 85 -6.97 18.20 -4.82
N THR A 86 -6.78 18.43 -6.12
CA THR A 86 -5.68 19.28 -6.57
C THR A 86 -5.73 20.65 -5.90
N THR A 87 -6.94 21.17 -5.65
CA THR A 87 -7.08 22.52 -5.11
C THR A 87 -6.67 22.64 -3.65
N LYS A 88 -6.57 21.54 -2.91
CA LYS A 88 -6.05 21.63 -1.55
C LYS A 88 -4.63 22.18 -1.52
N TYR A 89 -3.81 21.85 -2.52
CA TYR A 89 -2.43 22.34 -2.56
C TYR A 89 -2.23 23.51 -3.50
N TRP A 90 -3.24 23.84 -4.30
CA TRP A 90 -3.21 25.01 -5.17
C TRP A 90 -4.54 25.71 -5.04
N PRO A 91 -4.76 26.44 -3.94
CA PRO A 91 -6.07 27.07 -3.70
C PRO A 91 -6.47 28.06 -4.79
N GLU A 92 -5.50 28.66 -5.47
CA GLU A 92 -5.79 29.61 -6.55
C GLU A 92 -6.44 28.93 -7.75
N LEU A 93 -6.49 27.61 -7.77
CA LEU A 93 -7.10 26.84 -8.86
C LEU A 93 -8.60 26.74 -8.60
N THR A 94 -9.31 27.84 -8.84
CA THR A 94 -10.70 27.94 -8.45
C THR A 94 -11.68 27.53 -9.55
N ALA A 95 -11.23 27.36 -10.79
CA ALA A 95 -12.15 27.02 -11.87
C ALA A 95 -12.83 25.68 -11.61
N LYS A 96 -14.12 25.60 -11.95
CA LYS A 96 -14.96 24.50 -11.49
C LYS A 96 -14.62 23.16 -12.15
N GLN A 97 -13.95 23.17 -13.31
CA GLN A 97 -13.57 21.89 -13.89
C GLN A 97 -12.56 21.14 -13.03
N TRP A 98 -11.96 21.80 -12.03
CA TRP A 98 -11.02 21.10 -11.16
C TRP A 98 -11.69 20.37 -10.01
N ASN A 99 -13.00 20.57 -9.82
CA ASN A 99 -13.74 19.81 -8.82
C ASN A 99 -13.69 18.33 -9.17
N GLY A 100 -13.13 17.52 -8.28
CA GLY A 100 -13.08 16.10 -8.52
C GLY A 100 -11.80 15.60 -9.16
N ILE A 101 -10.88 16.49 -9.53
CA ILE A 101 -9.58 16.09 -10.06
C ILE A 101 -8.60 16.00 -8.89
N THR A 102 -8.13 14.78 -8.58
CA THR A 102 -7.27 14.53 -7.43
C THR A 102 -5.80 14.43 -7.84
N LEU A 103 -4.92 14.41 -6.84
CA LEU A 103 -3.51 14.19 -7.10
C LEU A 103 -3.27 12.87 -7.83
N LEU A 104 -4.06 11.84 -7.53
CA LEU A 104 -3.94 10.56 -8.24
C LEU A 104 -4.12 10.75 -9.74
N HIS A 105 -5.18 11.47 -10.14
CA HIS A 105 -5.43 11.76 -11.56
C HIS A 105 -4.25 12.47 -12.19
N LEU A 106 -3.68 13.46 -11.50
CA LEU A 106 -2.52 14.17 -12.06
C LEU A 106 -1.34 13.23 -12.24
N ALA A 107 -1.06 12.40 -11.24
CA ALA A 107 0.11 11.53 -11.28
C ALA A 107 0.02 10.45 -12.34
N THR A 108 -1.19 10.06 -12.76
CA THR A 108 -1.41 8.91 -13.63
C THR A 108 -2.01 9.30 -14.98
N TYR A 109 -2.00 10.59 -15.34
CA TYR A 109 -2.44 11.07 -16.65
C TYR A 109 -3.93 10.89 -16.87
N THR A 110 -4.74 10.83 -15.81
CA THR A 110 -6.16 10.52 -15.94
C THR A 110 -7.05 11.69 -15.52
N ALA A 111 -6.53 12.93 -15.57
CA ALA A 111 -7.33 14.08 -15.12
C ALA A 111 -8.43 14.43 -16.11
N GLY A 112 -8.33 13.95 -17.34
CA GLY A 112 -9.36 14.22 -18.33
C GLY A 112 -8.88 14.96 -19.56
N GLY A 113 -7.62 14.76 -19.94
CA GLY A 113 -7.13 15.34 -21.17
C GLY A 113 -6.15 16.49 -21.05
N LEU A 114 -5.39 16.55 -19.95
CA LEU A 114 -4.31 17.53 -19.89
C LEU A 114 -3.31 17.24 -21.01
N PRO A 115 -2.76 18.26 -21.64
CA PRO A 115 -1.99 18.05 -22.87
C PRO A 115 -0.59 17.50 -22.61
N LEU A 116 -0.06 16.84 -23.65
CA LEU A 116 1.28 16.24 -23.59
C LEU A 116 2.31 17.26 -23.11
N GLN A 117 2.28 18.47 -23.68
CA GLN A 117 3.27 19.48 -23.34
C GLN A 117 2.60 20.70 -22.72
N VAL A 118 3.28 21.32 -21.77
CA VAL A 118 2.90 22.68 -21.39
C VAL A 118 3.19 23.60 -22.57
N PRO A 119 2.27 24.47 -22.97
CA PRO A 119 2.53 25.35 -24.10
C PRO A 119 3.79 26.18 -23.87
N ASP A 120 4.62 26.28 -24.90
CA ASP A 120 5.86 27.04 -24.74
C ASP A 120 5.60 28.52 -24.46
N GLU A 121 4.39 29.00 -24.75
CA GLU A 121 4.00 30.36 -24.36
C GLU A 121 3.99 30.56 -22.85
N VAL A 122 3.93 29.48 -22.07
CA VAL A 122 3.88 29.56 -20.62
C VAL A 122 5.30 29.61 -20.09
N LYS A 123 5.69 30.75 -19.52
CA LYS A 123 6.99 30.88 -18.86
C LYS A 123 6.83 31.19 -17.38
N SER A 124 6.21 32.30 -17.03
CA SER A 124 6.05 32.70 -15.64
C SER A 124 5.08 31.77 -14.93
N SER A 125 5.06 31.88 -13.60
CA SER A 125 4.14 31.06 -12.83
C SER A 125 2.70 31.56 -12.96
N SER A 126 2.51 32.85 -13.23
CA SER A 126 1.15 33.34 -13.46
C SER A 126 0.62 32.87 -14.81
N ASP A 127 1.52 32.69 -15.79
CA ASP A 127 1.18 32.00 -17.03
C ASP A 127 0.70 30.58 -16.76
N LEU A 128 1.40 29.88 -15.87
CA LEU A 128 1.03 28.51 -15.52
C LEU A 128 -0.34 28.46 -14.85
N LEU A 129 -0.58 29.37 -13.89
CA LEU A 129 -1.91 29.42 -13.27
C LEU A 129 -2.98 29.67 -14.32
N ARG A 130 -2.74 30.62 -15.21
CA ARG A 130 -3.68 30.92 -16.27
C ARG A 130 -3.94 29.70 -17.16
N PHE A 131 -2.87 28.97 -17.51
CA PHE A 131 -3.02 27.82 -18.37
C PHE A 131 -3.93 26.77 -17.74
N TYR A 132 -3.69 26.44 -16.46
CA TYR A 132 -4.49 25.40 -15.82
C TYR A 132 -5.91 25.86 -15.53
N GLN A 133 -6.09 27.15 -15.20
CA GLN A 133 -7.44 27.68 -14.95
C GLN A 133 -8.29 27.60 -16.21
N ASN A 134 -7.69 27.85 -17.37
CA ASN A 134 -8.45 27.93 -18.61
C ASN A 134 -8.58 26.59 -19.33
N TRP A 135 -7.84 25.59 -18.90
CA TRP A 135 -7.87 24.27 -19.53
C TRP A 135 -9.24 23.61 -19.36
N GLN A 136 -9.77 23.08 -20.46
CA GLN A 136 -11.08 22.44 -20.43
C GLN A 136 -10.95 20.94 -20.65
N PRO A 137 -11.33 20.11 -19.69
CA PRO A 137 -11.23 18.66 -19.88
C PRO A 137 -12.11 18.16 -21.01
N ALA A 138 -11.59 17.19 -21.76
CA ALA A 138 -12.37 16.46 -22.75
C ALA A 138 -13.16 15.33 -22.10
N TRP A 139 -12.72 14.83 -20.97
CA TRP A 139 -13.33 13.68 -20.33
C TRP A 139 -13.46 13.94 -18.84
N ALA A 140 -14.39 13.22 -18.22
CA ALA A 140 -14.48 13.20 -16.77
C ALA A 140 -13.19 12.63 -16.18
N PRO A 141 -12.87 13.00 -14.93
CA PRO A 141 -11.66 12.46 -14.30
C PRO A 141 -11.75 10.95 -14.11
N GLY A 142 -10.59 10.30 -14.23
CA GLY A 142 -10.51 8.87 -14.01
C GLY A 142 -11.21 8.01 -15.04
N THR A 143 -11.37 8.50 -16.26
CA THR A 143 -11.98 7.71 -17.31
C THR A 143 -11.07 7.47 -18.51
N GLN A 144 -10.14 8.37 -18.83
CA GLN A 144 -9.25 8.15 -19.95
C GLN A 144 -7.82 8.56 -19.59
N ARG A 145 -6.86 7.79 -20.09
CA ARG A 145 -5.44 8.09 -19.91
C ARG A 145 -4.89 8.78 -21.15
N LEU A 146 -4.22 9.91 -20.94
CA LEU A 146 -3.51 10.60 -22.01
C LEU A 146 -2.18 11.06 -21.45
N TYR A 147 -1.10 10.39 -21.86
CA TYR A 147 0.24 10.71 -21.38
C TYR A 147 0.53 12.19 -21.51
N ALA A 148 1.00 12.81 -20.43
CA ALA A 148 1.04 14.27 -20.41
C ALA A 148 2.09 14.78 -19.43
N ASN A 149 3.02 15.62 -19.91
CA ASN A 149 3.91 16.32 -18.98
C ASN A 149 3.17 17.35 -18.13
N SER A 150 2.11 17.97 -18.66
CA SER A 150 1.37 18.95 -17.87
C SER A 150 0.60 18.31 -16.71
N SER A 151 0.44 16.99 -16.74
CA SER A 151 -0.25 16.25 -15.69
C SER A 151 0.72 15.80 -14.60
N ILE A 152 1.67 14.94 -14.93
CA ILE A 152 2.59 14.48 -13.87
C ILE A 152 3.53 15.60 -13.45
N GLY A 153 3.81 16.56 -14.32
CA GLY A 153 4.61 17.70 -13.92
C GLY A 153 3.96 18.52 -12.81
N LEU A 154 2.65 18.78 -12.97
CA LEU A 154 1.93 19.48 -11.90
C LEU A 154 1.89 18.65 -10.62
N PHE A 155 1.69 17.33 -10.76
CA PHE A 155 1.73 16.46 -9.59
C PHE A 155 3.03 16.64 -8.81
N GLY A 156 4.16 16.57 -9.51
CA GLY A 156 5.44 16.71 -8.83
C GLY A 156 5.55 18.04 -8.11
N ALA A 157 5.13 19.11 -8.76
CA ALA A 157 5.26 20.43 -8.14
C ALA A 157 4.38 20.54 -6.91
N LEU A 158 3.18 19.96 -6.96
CA LEU A 158 2.26 20.09 -5.82
C LEU A 158 2.66 19.17 -4.69
N ALA A 159 3.21 17.99 -5.03
CA ALA A 159 3.49 17.00 -4.00
C ALA A 159 4.58 17.45 -3.03
N VAL A 160 5.46 18.38 -3.43
CA VAL A 160 6.51 18.86 -2.54
C VAL A 160 6.12 20.14 -1.80
N LYS A 161 4.92 20.66 -2.04
CA LYS A 161 4.61 21.97 -1.47
C LYS A 161 4.50 21.94 0.05
N PRO A 162 3.88 20.92 0.67
CA PRO A 162 3.85 20.89 2.14
C PRO A 162 5.24 20.84 2.77
N SER A 163 6.21 20.17 2.13
CA SER A 163 7.57 20.13 2.67
C SER A 163 8.21 21.51 2.75
N GLY A 164 7.71 22.48 1.99
CA GLY A 164 8.34 23.77 1.86
C GLY A 164 9.59 23.79 1.02
N LEU A 165 10.06 22.65 0.54
CA LEU A 165 11.28 22.57 -0.23
C LEU A 165 11.00 22.79 -1.72
N SER A 166 11.98 23.35 -2.42
CA SER A 166 11.89 23.34 -3.86
C SER A 166 11.86 21.89 -4.34
N PHE A 167 11.33 21.68 -5.55
CA PHE A 167 11.30 20.33 -6.12
C PHE A 167 12.71 19.74 -6.17
N GLU A 168 13.68 20.51 -6.71
CA GLU A 168 15.05 20.01 -6.81
C GLU A 168 15.64 19.71 -5.43
N GLN A 169 15.35 20.54 -4.45
CA GLN A 169 15.86 20.31 -3.11
C GLN A 169 15.23 19.08 -2.49
N ALA A 170 13.94 18.91 -2.66
CA ALA A 170 13.30 17.68 -2.18
C ALA A 170 13.88 16.44 -2.86
N MET A 171 14.01 16.49 -4.19
CA MET A 171 14.54 15.33 -4.91
C MET A 171 15.95 14.97 -4.42
N GLN A 172 16.81 15.99 -4.29
CA GLN A 172 18.18 15.70 -3.85
C GLN A 172 18.21 15.14 -2.42
N THR A 173 17.48 15.75 -1.49
CA THR A 173 17.61 15.32 -0.09
C THR A 173 16.83 14.05 0.23
N ARG A 174 15.71 13.79 -0.45
CA ARG A 174 14.86 12.67 -0.09
C ARG A 174 15.00 11.47 -1.00
N VAL A 175 15.53 11.65 -2.21
CA VAL A 175 15.72 10.50 -3.11
C VAL A 175 17.19 10.31 -3.47
N PHE A 176 17.84 11.34 -4.04
CA PHE A 176 19.18 11.15 -4.60
C PHE A 176 20.19 10.81 -3.50
N GLN A 177 20.27 11.66 -2.46
CA GLN A 177 21.24 11.43 -1.39
C GLN A 177 21.02 10.11 -0.64
N PRO A 178 19.81 9.76 -0.18
CA PRO A 178 19.66 8.48 0.52
C PRO A 178 20.08 7.28 -0.30
N LEU A 179 19.86 7.31 -1.62
CA LEU A 179 20.22 6.20 -2.49
C LEU A 179 21.65 6.28 -3.00
N LYS A 180 22.41 7.29 -2.54
CA LYS A 180 23.78 7.55 -3.02
C LYS A 180 23.84 7.64 -4.53
N LEU A 181 22.91 8.40 -5.11
CA LEU A 181 22.96 8.76 -6.52
C LEU A 181 23.67 10.12 -6.58
N ASN A 182 25.01 10.06 -6.48
CA ASN A 182 25.84 11.25 -6.33
C ASN A 182 26.23 11.88 -7.65
N HIS A 183 25.82 11.29 -8.77
CA HIS A 183 26.07 11.81 -10.10
C HIS A 183 24.77 11.84 -10.89
N THR A 184 23.70 12.25 -10.21
CA THR A 184 22.37 12.39 -10.77
C THR A 184 21.90 13.81 -10.43
N TRP A 185 21.43 14.54 -11.45
CA TRP A 185 21.24 15.98 -11.33
C TRP A 185 19.96 16.41 -12.03
N ILE A 186 19.28 17.39 -11.43
CA ILE A 186 18.27 18.17 -12.15
C ILE A 186 18.95 19.26 -12.97
N ASN A 187 19.90 19.97 -12.36
CA ASN A 187 20.74 20.93 -13.06
C ASN A 187 22.18 20.45 -12.94
N VAL A 188 22.85 20.27 -14.08
CA VAL A 188 24.21 19.71 -14.07
C VAL A 188 25.17 20.77 -13.53
N PRO A 189 25.90 20.49 -12.45
CA PRO A 189 26.79 21.52 -11.89
C PRO A 189 28.00 21.73 -12.79
N PRO A 190 28.61 22.93 -12.74
CA PRO A 190 29.84 23.16 -13.51
C PRO A 190 30.91 22.08 -13.30
N ALA A 191 31.04 21.55 -12.08
CA ALA A 191 32.04 20.53 -11.79
C ALA A 191 31.86 19.27 -12.62
N GLU A 192 30.65 19.00 -13.11
CA GLU A 192 30.33 17.78 -13.83
C GLU A 192 30.13 17.99 -15.33
N GLU A 193 30.22 19.23 -15.80
CA GLU A 193 29.95 19.53 -17.21
C GLU A 193 30.85 18.75 -18.16
N LYS A 194 32.08 18.44 -17.74
CA LYS A 194 32.99 17.66 -18.59
C LYS A 194 32.45 16.26 -18.89
N ASN A 195 31.56 15.75 -18.05
CA ASN A 195 30.95 14.43 -18.22
C ASN A 195 29.60 14.48 -18.96
N TYR A 196 29.08 15.67 -19.23
CA TYR A 196 27.74 15.83 -19.80
C TYR A 196 27.80 15.57 -21.31
N ALA A 197 27.28 14.43 -21.74
CA ALA A 197 27.24 14.12 -23.17
C ALA A 197 26.40 15.14 -23.93
N TRP A 198 26.76 15.35 -25.19
CA TRP A 198 25.86 16.05 -26.09
C TRP A 198 24.84 15.07 -26.65
N GLY A 199 23.59 15.55 -26.79
CA GLY A 199 22.63 14.82 -27.60
C GLY A 199 22.75 15.19 -29.07
N TYR A 200 22.26 14.32 -29.92
CA TYR A 200 22.42 14.49 -31.35
C TYR A 200 21.06 14.33 -32.02
N ARG A 201 20.64 15.37 -32.71
CA ARG A 201 19.38 15.37 -33.45
C ARG A 201 19.70 15.86 -34.84
N GLU A 202 19.44 15.01 -35.84
CA GLU A 202 19.76 15.29 -37.23
C GLU A 202 21.22 15.74 -37.37
N GLY A 203 22.10 15.14 -36.58
CA GLY A 203 23.51 15.46 -36.61
C GLY A 203 23.94 16.67 -35.82
N LYS A 204 23.01 17.46 -35.27
CA LYS A 204 23.37 18.64 -34.49
C LYS A 204 23.46 18.29 -33.01
N ALA A 205 24.52 18.78 -32.36
CA ALA A 205 24.66 18.60 -30.91
C ALA A 205 23.67 19.50 -30.19
N VAL A 206 22.89 18.91 -29.27
CA VAL A 206 21.82 19.63 -28.59
C VAL A 206 21.76 19.22 -27.12
N HIS A 207 21.34 20.16 -26.29
CA HIS A 207 21.00 19.89 -24.90
C HIS A 207 19.57 20.35 -24.66
N VAL A 208 18.92 19.74 -23.66
CA VAL A 208 17.56 20.14 -23.35
C VAL A 208 17.54 21.59 -22.87
N SER A 209 16.51 22.33 -23.29
CA SER A 209 16.35 23.74 -22.92
C SER A 209 15.37 23.88 -21.75
N PRO A 210 15.44 25.00 -21.02
CA PRO A 210 14.51 25.18 -19.89
C PRO A 210 13.07 25.31 -20.36
N GLY A 211 12.16 24.77 -19.56
CA GLY A 211 10.74 24.87 -19.86
C GLY A 211 9.94 24.73 -18.59
N ALA A 212 8.65 25.06 -18.67
CA ALA A 212 7.80 24.96 -17.49
C ALA A 212 7.68 23.50 -17.06
N LEU A 213 7.84 23.26 -15.76
CA LEU A 213 7.72 21.93 -15.14
C LEU A 213 8.72 20.94 -15.72
N ASP A 214 9.84 21.46 -16.25
CA ASP A 214 10.84 20.57 -16.86
C ASP A 214 11.48 19.64 -15.83
N ALA A 215 11.78 20.15 -14.63
CA ALA A 215 12.43 19.31 -13.62
C ALA A 215 11.57 18.11 -13.26
N GLU A 216 10.26 18.33 -13.16
CA GLU A 216 9.31 17.33 -12.67
C GLU A 216 8.96 16.29 -13.73
N ALA A 217 9.03 16.64 -15.01
CA ALA A 217 8.56 15.78 -16.08
C ALA A 217 9.66 15.18 -16.92
N TYR A 218 10.79 15.88 -17.11
CA TYR A 218 11.80 15.34 -18.03
C TYR A 218 13.20 15.88 -17.79
N GLY A 219 13.49 16.34 -16.58
CA GLY A 219 14.72 17.09 -16.39
C GLY A 219 15.92 16.41 -15.76
N VAL A 220 15.87 15.12 -15.45
CA VAL A 220 16.98 14.48 -14.74
C VAL A 220 18.07 14.05 -15.72
N LYS A 221 19.34 14.23 -15.33
CA LYS A 221 20.50 13.70 -16.05
C LYS A 221 21.24 12.75 -15.13
N SER A 222 21.76 11.65 -15.67
CA SER A 222 22.34 10.66 -14.79
C SER A 222 23.38 9.85 -15.55
N THR A 223 24.21 9.12 -14.81
CA THR A 223 25.20 8.18 -15.33
C THR A 223 24.64 6.77 -15.35
N ILE A 224 25.31 5.91 -16.11
CA ILE A 224 24.88 4.51 -16.16
C ILE A 224 25.02 3.86 -14.79
N GLU A 225 26.00 4.28 -13.98
CA GLU A 225 26.18 3.65 -12.69
C GLU A 225 25.06 4.06 -11.74
N ASP A 226 24.74 5.35 -11.70
CA ASP A 226 23.64 5.79 -10.86
C ASP A 226 22.33 5.16 -11.31
N MET A 227 22.13 5.02 -12.61
CA MET A 227 20.87 4.43 -13.06
C MET A 227 20.81 2.95 -12.71
N ALA A 228 21.94 2.23 -12.78
CA ALA A 228 21.94 0.85 -12.29
C ALA A 228 21.55 0.80 -10.82
N ARG A 229 22.06 1.75 -10.03
CA ARG A 229 21.70 1.81 -8.62
C ARG A 229 20.22 2.16 -8.43
N TRP A 230 19.68 3.01 -9.30
CA TRP A 230 18.24 3.29 -9.27
C TRP A 230 17.43 2.02 -9.54
N VAL A 231 17.85 1.21 -10.52
CA VAL A 231 17.14 -0.03 -10.79
C VAL A 231 17.26 -0.98 -9.61
N GLN A 232 18.46 -1.15 -9.05
CA GLN A 232 18.64 -2.00 -7.88
C GLN A 232 17.72 -1.57 -6.74
N SER A 233 17.58 -0.25 -6.53
CA SER A 233 16.74 0.25 -5.45
C SER A 233 15.27 -0.07 -5.69
N ASN A 234 14.85 -0.06 -6.94
CA ASN A 234 13.45 -0.35 -7.25
C ASN A 234 13.19 -1.84 -7.38
N LEU A 235 14.24 -2.63 -7.63
CA LEU A 235 14.11 -4.09 -7.65
C LEU A 235 13.89 -4.63 -6.25
N LYS A 236 14.57 -4.02 -5.28
CA LYS A 236 14.60 -4.48 -3.90
C LYS A 236 14.38 -3.32 -2.95
N PRO A 237 13.15 -2.80 -2.87
CA PRO A 237 12.94 -1.64 -2.00
C PRO A 237 13.16 -1.93 -0.52
N LEU A 238 13.06 -3.19 -0.10
CA LEU A 238 13.15 -3.49 1.32
C LEU A 238 14.57 -3.35 1.86
N ASP A 239 15.60 -3.42 1.00
CA ASP A 239 16.97 -3.17 1.43
C ASP A 239 17.23 -1.71 1.78
N ILE A 240 16.28 -0.81 1.53
CA ILE A 240 16.48 0.62 1.69
C ILE A 240 16.18 1.01 3.14
N ASN A 241 17.10 1.78 3.73
CA ASN A 241 17.06 2.05 5.16
C ASN A 241 16.08 3.16 5.53
N GLU A 242 15.91 4.16 4.67
CA GLU A 242 14.96 5.23 4.93
C GLU A 242 13.54 4.72 4.73
N LYS A 243 12.74 4.76 5.79
CA LYS A 243 11.44 4.08 5.81
C LYS A 243 10.48 4.68 4.79
N THR A 244 10.33 6.02 4.77
CA THR A 244 9.35 6.61 3.87
C THR A 244 9.76 6.42 2.42
N LEU A 245 11.06 6.32 2.14
CA LEU A 245 11.51 6.13 0.76
C LEU A 245 11.24 4.70 0.30
N GLN A 246 11.53 3.73 1.15
CA GLN A 246 11.17 2.35 0.85
C GLN A 246 9.69 2.23 0.55
N GLN A 247 8.86 2.86 1.37
CA GLN A 247 7.42 2.84 1.16
C GLN A 247 7.05 3.57 -0.14
N GLY A 248 7.66 4.72 -0.40
CA GLY A 248 7.33 5.46 -1.63
C GLY A 248 7.66 4.68 -2.89
N ILE A 249 8.76 3.94 -2.88
CA ILE A 249 9.10 3.10 -4.03
C ILE A 249 8.03 2.05 -4.25
N GLN A 250 7.55 1.44 -3.18
CA GLN A 250 6.49 0.45 -3.32
C GLN A 250 5.21 1.09 -3.85
N LEU A 251 4.89 2.30 -3.36
CA LEU A 251 3.69 2.99 -3.81
C LEU A 251 3.76 3.32 -5.30
N ALA A 252 4.96 3.63 -5.82
CA ALA A 252 5.06 4.00 -7.23
C ALA A 252 4.91 2.80 -8.15
N GLN A 253 5.09 1.58 -7.63
CA GLN A 253 4.88 0.36 -8.39
C GLN A 253 3.52 -0.27 -8.14
N SER A 254 2.66 0.35 -7.33
CA SER A 254 1.28 -0.13 -7.22
C SER A 254 0.55 0.07 -8.54
N ARG A 255 -0.45 -0.77 -8.80
CA ARG A 255 -1.23 -0.70 -10.04
C ARG A 255 -2.52 0.08 -9.81
N TYR A 256 -2.63 1.26 -10.42
CA TYR A 256 -3.75 2.18 -10.21
C TYR A 256 -4.80 2.13 -11.30
N TRP A 257 -4.40 1.79 -12.53
CA TRP A 257 -5.26 1.81 -13.69
C TRP A 257 -4.79 0.72 -14.64
N GLN A 258 -5.72 0.19 -15.42
CA GLN A 258 -5.40 -0.78 -16.46
C GLN A 258 -5.89 -0.26 -17.80
N THR A 259 -5.04 -0.36 -18.82
CA THR A 259 -5.47 -0.17 -20.21
C THR A 259 -4.80 -1.22 -21.06
N GLY A 260 -5.60 -2.07 -21.69
CA GLY A 260 -5.03 -3.21 -22.38
C GLY A 260 -4.35 -4.12 -21.37
N ASP A 261 -3.10 -4.47 -21.64
CA ASP A 261 -2.34 -5.30 -20.71
C ASP A 261 -1.37 -4.49 -19.85
N MET A 262 -1.41 -3.17 -19.92
CA MET A 262 -0.49 -2.35 -19.15
C MET A 262 -1.19 -1.78 -17.92
N TYR A 263 -0.43 -1.61 -16.85
CA TYR A 263 -0.91 -1.02 -15.61
C TYR A 263 -0.14 0.26 -15.35
N GLN A 264 -0.82 1.26 -14.84
CA GLN A 264 -0.19 2.56 -14.59
C GLN A 264 0.18 2.67 -13.13
N GLY A 265 1.47 2.86 -12.85
CA GLY A 265 1.97 3.22 -11.53
C GLY A 265 2.16 4.73 -11.40
N LEU A 266 2.99 5.11 -10.44
CA LEU A 266 3.42 6.50 -10.32
C LEU A 266 4.74 6.62 -11.07
N GLY A 267 4.68 7.10 -12.32
CA GLY A 267 5.88 7.14 -13.14
C GLY A 267 6.12 5.81 -13.82
N TRP A 268 6.33 4.76 -13.04
CA TRP A 268 6.52 3.43 -13.60
C TRP A 268 5.25 2.94 -14.29
N GLU A 269 5.45 2.10 -15.32
CA GLU A 269 4.40 1.33 -15.96
C GLU A 269 4.75 -0.14 -15.83
N MET A 270 3.72 -1.00 -15.76
CA MET A 270 3.94 -2.40 -15.42
C MET A 270 3.09 -3.30 -16.28
N LEU A 271 3.62 -4.50 -16.55
CA LEU A 271 2.87 -5.58 -17.18
C LEU A 271 3.13 -6.86 -16.39
N ASP A 272 2.21 -7.82 -16.51
CA ASP A 272 2.43 -9.11 -15.88
C ASP A 272 3.59 -9.84 -16.55
N TRP A 273 4.46 -10.43 -15.72
CA TRP A 273 5.51 -11.27 -16.29
C TRP A 273 5.11 -12.73 -16.17
N PRO A 274 5.32 -13.58 -17.20
CA PRO A 274 5.93 -13.28 -18.50
C PRO A 274 5.06 -12.41 -19.40
N VAL A 275 5.72 -11.60 -20.21
CA VAL A 275 5.04 -10.68 -21.10
C VAL A 275 4.98 -11.29 -22.48
N ASN A 276 3.98 -10.87 -23.25
CA ASN A 276 4.01 -11.07 -24.68
C ASN A 276 4.91 -9.98 -25.25
N PRO A 277 6.09 -10.32 -25.78
CA PRO A 277 7.03 -9.28 -26.22
C PRO A 277 6.48 -8.34 -27.29
N ASP A 278 5.61 -8.82 -28.17
CA ASP A 278 5.00 -7.93 -29.16
C ASP A 278 4.10 -6.90 -28.52
N SER A 279 3.56 -7.20 -27.35
CA SER A 279 2.73 -6.23 -26.64
C SER A 279 3.55 -5.07 -26.10
N ILE A 280 4.67 -5.36 -25.43
CA ILE A 280 5.47 -4.24 -24.92
C ILE A 280 6.24 -3.57 -26.05
N ILE A 281 6.67 -4.33 -27.07
CA ILE A 281 7.43 -3.73 -28.15
C ILE A 281 6.55 -2.80 -28.95
N ASN A 282 5.43 -3.31 -29.49
CA ASN A 282 4.50 -2.44 -30.22
C ASN A 282 3.87 -1.43 -29.28
N GLY A 283 3.58 -1.82 -28.05
CA GLY A 283 3.00 -0.90 -27.07
C GLY A 283 3.86 0.31 -26.76
N SER A 284 5.19 0.20 -26.94
CA SER A 284 6.09 1.30 -26.66
C SER A 284 6.15 2.33 -27.79
N ASP A 285 5.72 1.95 -29.00
CA ASP A 285 5.63 2.93 -30.08
C ASP A 285 4.77 4.09 -29.61
N ASN A 286 5.26 5.32 -29.88
CA ASN A 286 4.61 6.51 -29.32
C ASN A 286 3.16 6.62 -29.79
N LYS A 287 2.90 6.24 -31.03
CA LYS A 287 1.54 6.10 -31.56
C LYS A 287 0.56 5.40 -30.62
N ILE A 288 0.97 4.34 -29.92
CA ILE A 288 0.11 3.75 -28.88
C ILE A 288 0.34 4.41 -27.52
N ALA A 289 1.61 4.62 -27.12
CA ALA A 289 1.90 5.09 -25.77
C ALA A 289 1.38 6.50 -25.52
N LEU A 290 1.24 7.31 -26.56
CA LEU A 290 0.79 8.70 -26.42
C LEU A 290 -0.69 8.89 -26.77
N ALA A 291 -1.40 7.81 -27.13
CA ALA A 291 -2.79 7.89 -27.55
C ALA A 291 -3.72 8.00 -26.33
N ALA A 292 -4.91 8.56 -26.56
CA ALA A 292 -5.94 8.61 -25.52
C ALA A 292 -6.60 7.24 -25.42
N ARG A 293 -6.55 6.65 -24.23
CA ARG A 293 -7.07 5.30 -24.06
C ARG A 293 -7.95 5.22 -22.82
N PRO A 294 -9.07 4.50 -22.89
CA PRO A 294 -9.93 4.35 -21.71
C PRO A 294 -9.24 3.47 -20.67
N VAL A 295 -9.43 3.82 -19.41
CA VAL A 295 -8.80 3.08 -18.32
C VAL A 295 -9.87 2.43 -17.44
N LYS A 296 -9.52 1.29 -16.87
CA LYS A 296 -10.29 0.66 -15.81
C LYS A 296 -9.60 0.97 -14.49
N ALA A 297 -10.35 1.51 -13.54
CA ALA A 297 -9.80 1.74 -12.21
C ALA A 297 -9.53 0.42 -11.53
N ILE A 298 -8.42 0.35 -10.81
CA ILE A 298 -8.14 -0.80 -9.95
C ILE A 298 -8.47 -0.36 -8.53
N THR A 299 -9.60 -0.85 -8.02
CA THR A 299 -10.21 -0.34 -6.79
C THR A 299 -10.21 -1.41 -5.71
N PRO A 300 -9.29 -1.37 -4.73
CA PRO A 300 -8.19 -0.42 -4.52
C PRO A 300 -6.96 -0.85 -5.32
N PRO A 301 -5.95 0.00 -5.42
CA PRO A 301 -4.74 -0.36 -6.19
C PRO A 301 -4.10 -1.64 -5.70
N THR A 302 -3.58 -2.41 -6.64
CA THR A 302 -2.82 -3.62 -6.31
C THR A 302 -1.42 -3.23 -5.87
N PRO A 303 -0.96 -3.71 -4.70
CA PRO A 303 0.42 -3.40 -4.30
C PRO A 303 1.39 -4.00 -5.29
N ALA A 304 2.63 -3.52 -5.23
CA ALA A 304 3.65 -3.91 -6.20
C ALA A 304 3.71 -5.43 -6.40
N VAL A 305 3.48 -5.87 -7.64
CA VAL A 305 3.51 -7.28 -7.98
C VAL A 305 4.93 -7.68 -8.39
N ARG A 306 5.49 -8.66 -7.67
CA ARG A 306 6.87 -9.08 -7.93
C ARG A 306 7.01 -9.68 -9.33
N ALA A 307 6.00 -10.40 -9.80
CA ALA A 307 6.05 -11.03 -11.13
C ALA A 307 5.62 -10.05 -12.22
N SER A 308 6.37 -8.95 -12.35
CA SER A 308 6.04 -7.88 -13.28
C SER A 308 7.24 -7.52 -14.12
N TRP A 309 6.96 -7.08 -15.34
CA TRP A 309 7.89 -6.32 -16.16
C TRP A 309 7.58 -4.85 -15.88
N VAL A 310 8.50 -4.16 -15.22
CA VAL A 310 8.33 -2.76 -14.84
C VAL A 310 9.26 -1.95 -15.71
N HIS A 311 8.76 -0.88 -16.33
CA HIS A 311 9.62 -0.17 -17.28
C HIS A 311 9.18 1.28 -17.50
N LYS A 312 10.06 2.04 -18.14
CA LYS A 312 9.78 3.40 -18.57
C LYS A 312 10.71 3.73 -19.72
N THR A 313 10.14 4.24 -20.81
CA THR A 313 10.94 4.81 -21.89
C THR A 313 11.10 6.31 -21.68
N GLY A 314 12.14 6.88 -22.26
CA GLY A 314 12.38 8.30 -22.07
C GLY A 314 13.10 8.88 -23.26
N ALA A 315 12.82 10.15 -23.55
CA ALA A 315 13.47 10.79 -24.68
C ALA A 315 13.57 12.28 -24.44
N THR A 316 14.60 12.87 -25.03
CA THR A 316 14.63 14.32 -25.26
C THR A 316 14.94 14.51 -26.74
N GLY A 317 15.11 15.76 -27.16
CA GLY A 317 15.45 16.01 -28.55
C GLY A 317 16.68 15.26 -29.01
N GLY A 318 17.65 15.08 -28.10
CA GLY A 318 18.92 14.48 -28.46
C GLY A 318 19.23 13.17 -27.77
N PHE A 319 18.30 12.60 -27.01
CA PHE A 319 18.62 11.44 -26.18
C PHE A 319 17.47 10.44 -26.23
N GLY A 320 17.80 9.18 -25.98
CA GLY A 320 16.81 8.12 -25.84
C GLY A 320 17.20 7.15 -24.75
N SER A 321 16.32 6.91 -23.78
CA SER A 321 16.65 6.06 -22.65
C SER A 321 15.57 5.01 -22.44
N TYR A 322 15.92 3.94 -21.73
CA TYR A 322 14.98 2.89 -21.42
C TYR A 322 15.45 2.19 -20.15
N VAL A 323 14.51 1.89 -19.27
CA VAL A 323 14.77 1.13 -18.05
C VAL A 323 13.71 0.06 -17.93
N ALA A 324 14.11 -1.14 -17.51
CA ALA A 324 13.15 -2.21 -17.30
C ALA A 324 13.72 -3.19 -16.29
N PHE A 325 12.84 -3.76 -15.47
CA PHE A 325 13.31 -4.76 -14.51
C PHE A 325 12.18 -5.71 -14.16
N ILE A 326 12.57 -6.86 -13.62
CA ILE A 326 11.65 -7.92 -13.23
C ILE A 326 11.96 -8.30 -11.78
N PRO A 327 11.19 -7.79 -10.81
CA PRO A 327 11.55 -8.04 -9.40
C PRO A 327 11.67 -9.52 -9.06
N GLU A 328 10.81 -10.36 -9.62
CA GLU A 328 10.83 -11.77 -9.26
C GLU A 328 12.09 -12.47 -9.73
N LYS A 329 12.73 -11.96 -10.78
CA LYS A 329 13.94 -12.58 -11.33
C LYS A 329 15.22 -11.88 -10.90
N GLU A 330 15.14 -10.80 -10.13
CA GLU A 330 16.34 -10.06 -9.74
C GLU A 330 17.05 -9.48 -10.96
N LEU A 331 16.29 -9.14 -11.99
CA LEU A 331 16.82 -8.89 -13.31
C LEU A 331 16.42 -7.49 -13.78
N GLY A 332 17.37 -6.77 -14.39
CA GLY A 332 17.05 -5.44 -14.89
C GLY A 332 18.05 -4.93 -15.91
N ILE A 333 17.65 -3.88 -16.61
CA ILE A 333 18.49 -3.30 -17.65
C ILE A 333 18.27 -1.81 -17.70
N VAL A 334 19.35 -1.08 -18.03
CA VAL A 334 19.32 0.34 -18.37
C VAL A 334 20.01 0.54 -19.70
N MET A 335 19.37 1.29 -20.61
CA MET A 335 19.98 1.66 -21.88
C MET A 335 19.92 3.19 -22.05
N LEU A 336 21.08 3.81 -22.17
CA LEU A 336 21.17 5.27 -22.32
C LEU A 336 21.89 5.59 -23.62
N ALA A 337 21.28 6.43 -24.45
CA ALA A 337 21.86 6.80 -25.73
C ALA A 337 21.72 8.29 -25.96
N ASN A 338 22.69 8.88 -26.67
CA ASN A 338 22.59 10.30 -27.03
C ASN A 338 22.12 10.46 -28.46
N LYS A 339 21.11 9.68 -28.83
CA LYS A 339 20.24 9.92 -29.97
C LYS A 339 18.84 9.42 -29.58
N ASN A 340 17.81 10.18 -29.95
CA ASN A 340 16.43 9.73 -29.76
C ASN A 340 16.07 8.81 -30.92
N TYR A 341 16.06 7.51 -30.68
CA TYR A 341 15.75 6.51 -31.69
C TYR A 341 14.46 5.79 -31.29
N PRO A 342 13.79 5.10 -32.21
CA PRO A 342 12.40 4.68 -31.95
C PRO A 342 12.29 3.73 -30.76
N ASN A 343 11.28 3.98 -29.93
CA ASN A 343 11.03 3.16 -28.74
C ASN A 343 10.99 1.65 -29.02
N PRO A 344 10.31 1.16 -30.06
CA PRO A 344 10.24 -0.31 -30.23
C PRO A 344 11.59 -0.96 -30.41
N ALA A 345 12.57 -0.26 -30.99
CA ALA A 345 13.93 -0.79 -31.06
C ALA A 345 14.53 -0.95 -29.67
N ARG A 346 14.23 -0.03 -28.74
CA ARG A 346 14.74 -0.14 -27.38
C ARG A 346 14.16 -1.36 -26.67
N VAL A 347 12.83 -1.50 -26.69
CA VAL A 347 12.19 -2.56 -25.93
C VAL A 347 12.52 -3.93 -26.53
N ASP A 348 12.65 -4.01 -27.85
CA ASP A 348 13.04 -5.27 -28.48
C ASP A 348 14.43 -5.71 -28.00
N ALA A 349 15.40 -4.80 -28.06
CA ALA A 349 16.74 -5.10 -27.55
C ALA A 349 16.71 -5.50 -26.08
N ALA A 350 15.98 -4.74 -25.24
CA ALA A 350 15.94 -5.07 -23.82
C ALA A 350 15.29 -6.42 -23.57
N TRP A 351 14.24 -6.74 -24.33
CA TRP A 351 13.58 -8.02 -24.10
C TRP A 351 14.45 -9.19 -24.54
N GLN A 352 15.14 -9.03 -25.68
CA GLN A 352 16.09 -10.05 -26.13
C GLN A 352 17.15 -10.31 -25.05
N ILE A 353 17.64 -9.26 -24.40
CA ILE A 353 18.68 -9.43 -23.40
C ILE A 353 18.12 -10.09 -22.14
N LEU A 354 17.02 -9.57 -21.59
CA LEU A 354 16.51 -10.12 -20.33
C LEU A 354 15.91 -11.51 -20.52
N ASN A 355 15.26 -11.75 -21.66
CA ASN A 355 14.72 -13.08 -21.91
C ASN A 355 15.84 -14.13 -21.94
N ALA A 356 17.00 -13.78 -22.50
CA ALA A 356 18.10 -14.74 -22.56
C ALA A 356 18.70 -15.02 -21.20
N LEU A 357 18.54 -14.12 -20.24
CA LEU A 357 19.19 -14.26 -18.94
C LEU A 357 18.28 -14.81 -17.86
N GLN A 358 16.98 -14.93 -18.11
CA GLN A 358 16.06 -15.30 -17.03
C GLN A 358 15.92 -16.81 -16.92
N ALA B 1 6.51 -2.08 37.41
CA ALA B 1 6.05 -1.15 36.38
C ALA B 1 6.24 0.29 36.83
N PRO B 2 6.56 1.21 35.87
CA PRO B 2 6.60 2.63 36.19
C PRO B 2 5.40 3.06 37.02
N GLN B 3 5.69 3.83 38.08
CA GLN B 3 4.65 4.25 39.01
C GLN B 3 3.50 4.93 38.29
N GLN B 4 3.80 5.68 37.22
CA GLN B 4 2.75 6.33 36.45
C GLN B 4 1.77 5.33 35.87
N ILE B 5 2.28 4.21 35.36
CA ILE B 5 1.41 3.21 34.74
C ILE B 5 0.61 2.46 35.80
N ASN B 6 1.29 1.94 36.82
CA ASN B 6 0.61 1.25 37.91
C ASN B 6 -0.53 2.09 38.48
N ASP B 7 -0.31 3.40 38.61
CA ASP B 7 -1.28 4.27 39.27
C ASP B 7 -2.53 4.44 38.43
N ILE B 8 -2.37 4.78 37.15
CA ILE B 8 -3.55 5.04 36.32
C ILE B 8 -4.31 3.74 36.04
N VAL B 9 -3.59 2.63 35.88
CA VAL B 9 -4.30 1.37 35.62
C VAL B 9 -5.16 1.00 36.82
N HIS B 10 -4.57 1.04 38.02
CA HIS B 10 -5.28 0.61 39.22
C HIS B 10 -6.51 1.48 39.47
N ARG B 11 -6.37 2.80 39.35
CA ARG B 11 -7.48 3.72 39.62
C ARG B 11 -8.55 3.68 38.53
N THR B 12 -8.21 3.20 37.33
CA THR B 12 -9.19 3.14 36.26
C THR B 12 -9.89 1.79 36.16
N ILE B 13 -9.14 0.69 36.24
CA ILE B 13 -9.69 -0.65 35.97
C ILE B 13 -10.38 -1.22 37.21
N THR B 14 -9.83 -1.02 38.41
CA THR B 14 -10.47 -1.67 39.56
C THR B 14 -11.87 -1.12 39.84
N PRO B 15 -12.13 0.19 39.67
CA PRO B 15 -13.53 0.64 39.72
C PRO B 15 -14.37 0.06 38.62
N LEU B 16 -13.80 -0.15 37.42
CA LEU B 16 -14.52 -0.77 36.32
C LEU B 16 -14.96 -2.18 36.68
N ILE B 17 -14.05 -2.96 37.27
CA ILE B 17 -14.40 -4.35 37.62
C ILE B 17 -15.53 -4.37 38.64
N GLU B 18 -15.49 -3.46 39.62
CA GLU B 18 -16.58 -3.42 40.60
C GLU B 18 -17.88 -2.91 39.99
N GLN B 19 -17.82 -1.83 39.22
CA GLN B 19 -19.05 -1.29 38.64
C GLN B 19 -19.73 -2.28 37.69
N GLN B 20 -18.96 -3.08 36.96
CA GLN B 20 -19.52 -3.98 35.97
C GLN B 20 -19.63 -5.42 36.46
N LYS B 21 -19.15 -5.69 37.68
CA LYS B 21 -19.18 -7.02 38.28
C LYS B 21 -18.47 -8.05 37.40
N ILE B 22 -17.24 -7.74 37.01
CA ILE B 22 -16.47 -8.55 36.08
C ILE B 22 -15.74 -9.63 36.88
N PRO B 23 -15.98 -10.92 36.59
CA PRO B 23 -15.31 -11.97 37.38
C PRO B 23 -13.80 -11.98 37.25
N GLY B 24 -13.28 -11.83 36.03
CA GLY B 24 -11.84 -11.87 35.81
C GLY B 24 -11.46 -10.94 34.68
N MET B 25 -10.23 -10.44 34.78
CA MET B 25 -9.80 -9.41 33.85
C MET B 25 -8.28 -9.44 33.77
N ALA B 26 -7.75 -9.27 32.55
CA ALA B 26 -6.33 -9.09 32.32
C ALA B 26 -6.14 -7.88 31.42
N VAL B 27 -5.12 -7.09 31.72
CA VAL B 27 -4.84 -5.87 30.98
C VAL B 27 -3.35 -5.87 30.67
N ALA B 28 -3.00 -5.42 29.46
CA ALA B 28 -1.62 -5.13 29.11
C ALA B 28 -1.53 -3.70 28.63
N VAL B 29 -0.53 -2.97 29.12
CA VAL B 29 -0.23 -1.63 28.63
C VAL B 29 1.12 -1.72 27.94
N ILE B 30 1.16 -1.27 26.69
CA ILE B 30 2.41 -1.15 25.95
C ILE B 30 2.84 0.30 26.07
N TYR B 31 3.96 0.54 26.75
CA TYR B 31 4.45 1.89 27.00
C TYR B 31 5.86 1.98 26.45
N GLN B 32 6.06 2.91 25.53
CA GLN B 32 7.32 3.00 24.77
C GLN B 32 7.73 1.63 24.25
N GLY B 33 6.75 0.94 23.65
CA GLY B 33 6.98 -0.34 23.02
C GLY B 33 7.11 -1.55 23.92
N LYS B 34 7.27 -1.34 25.36
CA LYS B 34 7.43 -2.47 26.27
C LYS B 34 6.12 -2.77 27.01
N PRO B 35 5.86 -4.05 27.35
CA PRO B 35 4.56 -4.42 27.92
C PRO B 35 4.54 -4.48 29.44
N TYR B 36 3.40 -4.09 30.03
CA TYR B 36 3.18 -4.16 31.46
C TYR B 36 1.85 -4.83 31.71
N TYR B 37 1.83 -5.82 32.60
CA TYR B 37 0.70 -6.73 32.75
C TYR B 37 0.01 -6.57 34.10
N PHE B 38 -1.29 -6.84 34.10
CA PHE B 38 -2.14 -6.68 35.29
C PHE B 38 -3.23 -7.73 35.21
N THR B 39 -3.44 -8.47 36.30
CA THR B 39 -4.54 -9.44 36.35
C THR B 39 -5.38 -9.24 37.61
N TRP B 40 -6.67 -9.52 37.47
CA TRP B 40 -7.61 -9.48 38.58
C TRP B 40 -8.57 -10.66 38.47
N GLY B 41 -8.99 -11.19 39.62
CA GLY B 41 -10.16 -12.03 39.64
C GLY B 41 -9.93 -13.47 39.18
N TYR B 42 -11.04 -14.09 38.81
CA TYR B 42 -11.07 -15.54 38.58
C TYR B 42 -11.32 -15.83 37.10
N ALA B 43 -10.51 -16.75 36.55
CA ALA B 43 -10.80 -17.36 35.26
C ALA B 43 -11.94 -18.36 35.36
N ASP B 44 -12.00 -19.10 36.48
CA ASP B 44 -13.08 -20.02 36.80
C ASP B 44 -13.53 -19.73 38.22
N ILE B 45 -14.77 -19.28 38.38
CA ILE B 45 -15.25 -18.87 39.70
C ILE B 45 -15.33 -20.08 40.63
N ALA B 46 -15.91 -21.18 40.15
CA ALA B 46 -16.07 -22.41 40.94
C ALA B 46 -14.74 -22.93 41.47
N LYS B 47 -13.84 -23.33 40.56
CA LYS B 47 -12.54 -23.84 40.94
C LYS B 47 -11.66 -22.78 41.59
N LYS B 48 -12.21 -21.57 41.75
CA LYS B 48 -11.48 -20.41 42.25
C LYS B 48 -10.12 -20.29 41.58
N GLN B 49 -10.13 -20.45 40.26
CA GLN B 49 -8.90 -20.38 39.47
C GLN B 49 -8.59 -18.92 39.16
N PRO B 50 -7.44 -18.39 39.57
CA PRO B 50 -7.13 -16.99 39.28
C PRO B 50 -6.89 -16.76 37.79
N VAL B 51 -7.25 -15.56 37.33
CA VAL B 51 -6.75 -15.08 36.05
C VAL B 51 -5.24 -15.00 36.11
N THR B 52 -4.56 -15.61 35.14
CA THR B 52 -3.13 -15.41 35.01
C THR B 52 -2.79 -14.93 33.60
N GLN B 53 -1.49 -14.76 33.37
CA GLN B 53 -1.00 -14.37 32.06
CA GLN B 53 -1.03 -14.37 32.04
C GLN B 53 -1.08 -15.49 31.03
N GLN B 54 -1.31 -16.72 31.46
CA GLN B 54 -1.52 -17.84 30.58
C GLN B 54 -3.00 -18.13 30.36
N THR B 55 -3.89 -17.36 30.99
CA THR B 55 -5.32 -17.56 30.81
C THR B 55 -5.73 -17.20 29.38
N LEU B 56 -6.49 -18.07 28.75
CA LEU B 56 -7.00 -17.82 27.40
C LEU B 56 -8.41 -17.23 27.49
N PHE B 57 -8.62 -16.10 26.84
CA PHE B 57 -9.91 -15.44 26.71
C PHE B 57 -10.41 -15.54 25.28
N GLU B 58 -11.73 -15.60 25.11
CA GLU B 58 -12.33 -15.46 23.79
C GLU B 58 -12.24 -14.00 23.36
N LEU B 59 -11.66 -13.76 22.18
CA LEU B 59 -11.49 -12.41 21.69
C LEU B 59 -12.75 -11.87 21.00
N GLY B 60 -13.67 -12.73 20.61
CA GLY B 60 -14.82 -12.25 19.86
C GLY B 60 -14.37 -11.53 18.60
N SER B 61 -14.96 -10.36 18.34
CA SER B 61 -14.69 -9.63 17.11
C SER B 61 -13.27 -9.07 17.02
N VAL B 62 -12.49 -9.05 18.11
CA VAL B 62 -11.09 -8.69 17.95
C VAL B 62 -10.37 -9.70 17.04
N SER B 63 -10.93 -10.92 16.92
CA SER B 63 -10.51 -11.89 15.90
C SER B 63 -10.44 -11.30 14.50
N LYS B 64 -11.34 -10.38 14.17
CA LYS B 64 -11.40 -9.80 12.84
C LYS B 64 -10.11 -9.06 12.50
N THR B 65 -9.34 -8.61 13.50
CA THR B 65 -8.06 -7.98 13.20
C THR B 65 -7.06 -9.02 12.68
N PHE B 66 -7.13 -10.24 13.20
CA PHE B 66 -6.27 -11.30 12.66
C PHE B 66 -6.71 -11.66 11.26
N THR B 67 -8.02 -11.69 11.02
CA THR B 67 -8.52 -12.00 9.69
C THR B 67 -8.11 -10.93 8.68
N GLY B 68 -8.20 -9.65 9.07
CA GLY B 68 -7.76 -8.59 8.19
C GLY B 68 -6.28 -8.69 7.85
N VAL B 69 -5.45 -8.99 8.84
CA VAL B 69 -4.01 -9.08 8.64
C VAL B 69 -3.66 -10.30 7.78
N LEU B 70 -4.35 -11.42 8.00
CA LEU B 70 -4.13 -12.59 7.14
C LEU B 70 -4.55 -12.29 5.70
N GLY B 71 -5.66 -11.58 5.52
CA GLY B 71 -6.03 -11.14 4.19
C GLY B 71 -4.99 -10.22 3.59
N GLY B 72 -4.42 -9.34 4.42
CA GLY B 72 -3.38 -8.45 3.93
C GLY B 72 -2.12 -9.20 3.55
N ASP B 73 -1.79 -10.24 4.32
CA ASP B 73 -0.64 -11.07 3.97
C ASP B 73 -0.86 -11.80 2.65
N ALA B 74 -2.11 -12.22 2.37
CA ALA B 74 -2.38 -12.90 1.10
C ALA B 74 -2.34 -11.95 -0.08
N ILE B 75 -2.75 -10.70 0.12
CA ILE B 75 -2.58 -9.67 -0.90
C ILE B 75 -1.09 -9.46 -1.18
N ALA B 76 -0.29 -9.36 -0.12
CA ALA B 76 1.15 -9.16 -0.27
C ALA B 76 1.82 -10.30 -1.03
N ARG B 77 1.33 -11.52 -0.83
CA ARG B 77 1.84 -12.69 -1.55
C ARG B 77 1.38 -12.74 -3.00
N GLY B 78 0.47 -11.85 -3.40
CA GLY B 78 -0.06 -11.92 -4.74
C GLY B 78 -1.10 -12.99 -4.97
N GLU B 79 -1.63 -13.59 -3.90
CA GLU B 79 -2.63 -14.64 -4.04
C GLU B 79 -4.02 -14.07 -4.33
N ILE B 80 -4.34 -12.90 -3.79
CA ILE B 80 -5.64 -12.26 -3.97
C ILE B 80 -5.43 -10.77 -4.21
N LYS B 81 -6.46 -10.14 -4.76
CA LYS B 81 -6.54 -8.69 -4.83
C LYS B 81 -7.88 -8.25 -4.27
N LEU B 82 -7.88 -7.12 -3.56
CA LEU B 82 -9.14 -6.61 -3.00
C LEU B 82 -10.06 -6.11 -4.10
N SER B 83 -9.52 -5.80 -5.28
CA SER B 83 -10.33 -5.37 -6.40
C SER B 83 -11.00 -6.53 -7.13
N ASP B 84 -10.65 -7.77 -6.79
CA ASP B 84 -11.21 -8.93 -7.47
C ASP B 84 -12.64 -9.28 -7.05
N PRO B 85 -13.49 -9.63 -8.02
CA PRO B 85 -14.87 -10.00 -7.67
C PRO B 85 -14.89 -11.19 -6.73
N THR B 86 -15.89 -11.21 -5.85
CA THR B 86 -16.09 -12.34 -4.95
C THR B 86 -16.13 -13.65 -5.74
N THR B 87 -16.78 -13.62 -6.90
CA THR B 87 -16.98 -14.85 -7.69
C THR B 87 -15.70 -15.45 -8.23
N LYS B 88 -14.61 -14.68 -8.32
CA LYS B 88 -13.35 -15.26 -8.79
C LYS B 88 -12.86 -16.35 -7.85
N TYR B 89 -13.13 -16.22 -6.56
CA TYR B 89 -12.68 -17.20 -5.59
C TYR B 89 -13.80 -18.12 -5.15
N TRP B 90 -15.03 -17.86 -5.58
CA TRP B 90 -16.17 -18.76 -5.31
C TRP B 90 -16.97 -18.88 -6.59
N PRO B 91 -16.49 -19.68 -7.55
CA PRO B 91 -17.18 -19.77 -8.85
C PRO B 91 -18.61 -20.26 -8.77
N GLU B 92 -18.96 -21.05 -7.75
CA GLU B 92 -20.33 -21.52 -7.58
C GLU B 92 -21.31 -20.41 -7.17
N LEU B 93 -20.80 -19.23 -6.78
CA LEU B 93 -21.66 -18.11 -6.39
C LEU B 93 -22.03 -17.33 -7.65
N THR B 94 -23.10 -17.76 -8.31
CA THR B 94 -23.46 -17.28 -9.63
C THR B 94 -24.62 -16.28 -9.65
N ALA B 95 -25.32 -16.08 -8.55
CA ALA B 95 -26.51 -15.25 -8.57
C ALA B 95 -26.17 -13.82 -9.00
N LYS B 96 -27.11 -13.21 -9.74
CA LYS B 96 -26.91 -11.91 -10.39
C LYS B 96 -26.51 -10.83 -9.40
N GLN B 97 -27.00 -10.87 -8.16
CA GLN B 97 -26.76 -9.75 -7.26
C GLN B 97 -25.30 -9.64 -6.83
N TRP B 98 -24.46 -10.64 -7.16
CA TRP B 98 -23.06 -10.61 -6.73
C TRP B 98 -22.16 -9.90 -7.73
N ASN B 99 -22.69 -9.52 -8.89
CA ASN B 99 -21.89 -8.75 -9.84
C ASN B 99 -21.50 -7.41 -9.21
N GLY B 100 -20.20 -7.14 -9.20
CA GLY B 100 -19.70 -5.91 -8.66
C GLY B 100 -19.39 -5.91 -7.17
N ILE B 101 -19.68 -6.99 -6.45
CA ILE B 101 -19.26 -7.13 -5.06
C ILE B 101 -17.86 -7.75 -5.03
N THR B 102 -16.89 -6.99 -4.55
CA THR B 102 -15.48 -7.39 -4.54
C THR B 102 -15.06 -7.86 -3.14
N LEU B 103 -13.85 -8.43 -3.07
CA LEU B 103 -13.32 -8.80 -1.76
C LEU B 103 -13.20 -7.59 -0.85
N LEU B 104 -12.86 -6.42 -1.41
CA LEU B 104 -12.81 -5.22 -0.59
C LEU B 104 -14.15 -5.00 0.11
N HIS B 105 -15.26 -5.15 -0.62
CA HIS B 105 -16.57 -4.90 -0.01
C HIS B 105 -16.83 -5.86 1.15
N LEU B 106 -16.48 -7.13 0.96
CA LEU B 106 -16.66 -8.13 2.00
C LEU B 106 -15.82 -7.82 3.23
N ALA B 107 -14.55 -7.45 3.01
CA ALA B 107 -13.61 -7.18 4.10
C ALA B 107 -14.01 -5.98 4.96
N THR B 108 -14.73 -5.02 4.37
CA THR B 108 -15.04 -3.73 5.01
C THR B 108 -16.52 -3.49 5.26
N TYR B 109 -17.35 -4.52 5.14
CA TYR B 109 -18.78 -4.45 5.47
C TYR B 109 -19.57 -3.55 4.52
N THR B 110 -19.12 -3.42 3.28
CA THR B 110 -19.73 -2.48 2.33
C THR B 110 -20.36 -3.19 1.13
N ALA B 111 -20.69 -4.47 1.25
CA ALA B 111 -21.26 -5.20 0.13
C ALA B 111 -22.70 -4.78 -0.16
N GLY B 112 -23.36 -4.12 0.79
CA GLY B 112 -24.72 -3.67 0.60
C GLY B 112 -25.73 -4.31 1.53
N GLY B 113 -25.32 -4.56 2.77
CA GLY B 113 -26.23 -5.01 3.80
C GLY B 113 -26.23 -6.49 4.09
N LEU B 114 -25.10 -7.17 3.89
CA LEU B 114 -24.97 -8.52 4.41
C LEU B 114 -25.29 -8.51 5.91
N PRO B 115 -25.95 -9.54 6.43
CA PRO B 115 -26.49 -9.46 7.79
C PRO B 115 -25.43 -9.65 8.87
N LEU B 116 -25.73 -9.08 10.04
CA LEU B 116 -24.82 -9.12 11.18
C LEU B 116 -24.33 -10.54 11.47
N GLN B 117 -25.25 -11.51 11.52
CA GLN B 117 -24.91 -12.90 11.75
C GLN B 117 -25.31 -13.74 10.54
N VAL B 118 -24.50 -14.76 10.29
CA VAL B 118 -24.99 -15.91 9.51
C VAL B 118 -26.08 -16.60 10.32
N PRO B 119 -27.28 -16.86 9.76
CA PRO B 119 -28.32 -17.54 10.53
C PRO B 119 -27.81 -18.83 11.16
N ASP B 120 -28.24 -19.09 12.39
CA ASP B 120 -27.70 -20.21 13.15
C ASP B 120 -28.00 -21.57 12.50
N GLU B 121 -29.06 -21.66 11.70
CA GLU B 121 -29.40 -22.92 11.06
C GLU B 121 -28.47 -23.26 9.90
N VAL B 122 -27.63 -22.32 9.46
CA VAL B 122 -26.68 -22.58 8.39
C VAL B 122 -25.50 -23.35 8.97
N LYS B 123 -25.26 -24.56 8.47
CA LYS B 123 -24.31 -25.45 9.11
C LYS B 123 -23.33 -26.05 8.11
N SER B 124 -23.84 -26.51 6.98
CA SER B 124 -23.01 -27.15 5.96
C SER B 124 -22.53 -26.11 4.95
N SER B 125 -21.52 -26.51 4.16
CA SER B 125 -21.10 -25.68 3.05
C SER B 125 -22.21 -25.53 2.01
N SER B 126 -23.06 -26.55 1.87
CA SER B 126 -24.26 -26.42 1.03
C SER B 126 -25.19 -25.35 1.59
N ASP B 127 -25.42 -25.38 2.91
CA ASP B 127 -26.21 -24.34 3.57
C ASP B 127 -25.64 -22.95 3.31
N LEU B 128 -24.31 -22.83 3.36
CA LEU B 128 -23.67 -21.54 3.21
C LEU B 128 -23.85 -20.98 1.81
N LEU B 129 -23.65 -21.83 0.78
CA LEU B 129 -23.86 -21.37 -0.59
C LEU B 129 -25.28 -20.90 -0.78
N ARG B 130 -26.25 -21.67 -0.29
CA ARG B 130 -27.66 -21.34 -0.43
C ARG B 130 -27.96 -19.97 0.17
N PHE B 131 -27.43 -19.72 1.38
CA PHE B 131 -27.61 -18.45 2.07
C PHE B 131 -27.13 -17.28 1.22
N TYR B 132 -25.89 -17.33 0.74
CA TYR B 132 -25.37 -16.23 -0.07
C TYR B 132 -26.02 -16.14 -1.44
N GLN B 133 -26.41 -17.28 -2.03
CA GLN B 133 -27.10 -17.22 -3.33
C GLN B 133 -28.47 -16.58 -3.19
N ASN B 134 -29.11 -16.73 -2.04
CA ASN B 134 -30.43 -16.18 -1.79
C ASN B 134 -30.40 -14.76 -1.23
N TRP B 135 -29.25 -14.30 -0.75
CA TRP B 135 -29.21 -13.00 -0.10
C TRP B 135 -29.50 -11.90 -1.10
N GLN B 136 -30.38 -10.96 -0.71
CA GLN B 136 -30.69 -9.81 -1.55
C GLN B 136 -30.24 -8.53 -0.86
N PRO B 137 -29.48 -7.68 -1.54
CA PRO B 137 -28.90 -6.52 -0.86
C PRO B 137 -29.93 -5.46 -0.49
N ALA B 138 -29.64 -4.73 0.58
CA ALA B 138 -30.40 -3.55 0.97
C ALA B 138 -29.93 -2.30 0.25
N TRP B 139 -28.68 -2.27 -0.23
CA TRP B 139 -28.11 -1.13 -0.92
C TRP B 139 -27.13 -1.62 -1.98
N ALA B 140 -26.73 -0.70 -2.86
CA ALA B 140 -25.73 -1.02 -3.87
C ALA B 140 -24.37 -1.18 -3.21
N PRO B 141 -23.46 -1.94 -3.81
CA PRO B 141 -22.13 -2.15 -3.20
C PRO B 141 -21.38 -0.83 -3.07
N GLY B 142 -20.62 -0.70 -1.98
CA GLY B 142 -19.74 0.43 -1.83
C GLY B 142 -20.43 1.73 -1.48
N THR B 143 -21.62 1.65 -0.90
CA THR B 143 -22.34 2.86 -0.50
C THR B 143 -22.63 2.95 1.01
N GLN B 144 -22.86 1.83 1.69
CA GLN B 144 -23.21 1.81 3.11
C GLN B 144 -22.36 0.80 3.86
N ARG B 145 -21.87 1.17 5.02
CA ARG B 145 -21.19 0.25 5.92
C ARG B 145 -22.17 -0.31 6.94
N LEU B 146 -22.30 -1.64 6.99
CA LEU B 146 -23.11 -2.32 7.99
C LEU B 146 -22.29 -3.46 8.58
N TYR B 147 -21.84 -3.29 9.82
CA TYR B 147 -21.01 -4.28 10.49
C TYR B 147 -21.64 -5.67 10.40
N ALA B 148 -20.84 -6.66 9.99
CA ALA B 148 -21.45 -7.95 9.64
C ALA B 148 -20.43 -9.08 9.67
N ASN B 149 -20.71 -10.11 10.49
CA ASN B 149 -19.92 -11.33 10.48
C ASN B 149 -20.05 -12.07 9.15
N SER B 150 -21.23 -12.03 8.54
CA SER B 150 -21.41 -12.68 7.24
C SER B 150 -20.61 -12.00 6.13
N SER B 151 -20.12 -10.78 6.37
CA SER B 151 -19.32 -10.07 5.38
C SER B 151 -17.84 -10.43 5.54
N ILE B 152 -17.23 -10.02 6.65
CA ILE B 152 -15.78 -10.26 6.81
C ILE B 152 -15.50 -11.74 7.00
N GLY B 153 -16.46 -12.51 7.51
CA GLY B 153 -16.26 -13.94 7.62
C GLY B 153 -16.09 -14.61 6.27
N LEU B 154 -16.84 -14.16 5.27
CA LEU B 154 -16.69 -14.71 3.92
C LEU B 154 -15.38 -14.25 3.29
N PHE B 155 -14.99 -12.99 3.55
CA PHE B 155 -13.68 -12.52 3.12
C PHE B 155 -12.58 -13.45 3.61
N GLY B 156 -12.59 -13.77 4.90
CA GLY B 156 -11.55 -14.63 5.44
C GLY B 156 -11.51 -15.99 4.77
N ALA B 157 -12.69 -16.58 4.57
CA ALA B 157 -12.73 -17.91 3.94
C ALA B 157 -12.21 -17.88 2.50
N LEU B 158 -12.59 -16.86 1.73
CA LEU B 158 -12.16 -16.78 0.35
C LEU B 158 -10.71 -16.34 0.22
N ALA B 159 -10.21 -15.51 1.15
CA ALA B 159 -8.84 -14.99 1.06
C ALA B 159 -7.80 -16.11 1.10
N VAL B 160 -8.11 -17.21 1.78
CA VAL B 160 -7.14 -18.30 1.91
C VAL B 160 -7.30 -19.36 0.82
N LYS B 161 -8.34 -19.26 -0.01
CA LYS B 161 -8.57 -20.31 -1.01
C LYS B 161 -7.41 -20.51 -1.98
N PRO B 162 -6.78 -19.47 -2.54
CA PRO B 162 -5.64 -19.70 -3.44
C PRO B 162 -4.46 -20.42 -2.79
N SER B 163 -4.19 -20.19 -1.50
CA SER B 163 -3.11 -20.89 -0.80
C SER B 163 -3.36 -22.39 -0.69
N GLY B 164 -4.59 -22.84 -0.87
CA GLY B 164 -4.93 -24.24 -0.65
C GLY B 164 -4.98 -24.69 0.79
N LEU B 165 -4.65 -23.82 1.75
CA LEU B 165 -4.68 -24.18 3.16
C LEU B 165 -6.05 -23.89 3.75
N SER B 166 -6.38 -24.61 4.81
CA SER B 166 -7.56 -24.26 5.60
C SER B 166 -7.35 -22.89 6.24
N PHE B 167 -8.45 -22.28 6.69
CA PHE B 167 -8.34 -20.97 7.33
C PHE B 167 -7.46 -21.05 8.59
N GLU B 168 -7.68 -22.08 9.41
CA GLU B 168 -6.91 -22.22 10.64
C GLU B 168 -5.43 -22.46 10.37
N GLN B 169 -5.08 -23.22 9.35
CA GLN B 169 -3.71 -23.49 9.06
C GLN B 169 -3.04 -22.28 8.46
N ALA B 170 -3.75 -21.57 7.61
CA ALA B 170 -3.20 -20.32 7.11
C ALA B 170 -2.89 -19.36 8.26
N MET B 171 -3.83 -19.23 9.20
CA MET B 171 -3.62 -18.30 10.32
C MET B 171 -2.47 -18.77 11.21
N GLN B 172 -2.43 -20.06 11.53
CA GLN B 172 -1.35 -20.59 12.35
C GLN B 172 0.00 -20.35 11.73
N THR B 173 0.16 -20.72 10.45
CA THR B 173 1.50 -20.73 9.86
C THR B 173 1.93 -19.37 9.35
N ARG B 174 0.98 -18.50 8.98
CA ARG B 174 1.34 -17.22 8.39
C ARG B 174 1.24 -16.05 9.35
N VAL B 175 0.52 -16.19 10.46
CA VAL B 175 0.38 -15.06 11.38
C VAL B 175 0.82 -15.45 12.79
N PHE B 176 0.19 -16.47 13.38
CA PHE B 176 0.49 -16.79 14.78
C PHE B 176 1.96 -17.17 14.97
N GLN B 177 2.46 -18.11 14.15
CA GLN B 177 3.80 -18.62 14.37
C GLN B 177 4.89 -17.59 14.07
N PRO B 178 4.88 -16.87 12.95
CA PRO B 178 5.94 -15.85 12.75
C PRO B 178 5.98 -14.82 13.85
N LEU B 179 4.84 -14.47 14.43
CA LEU B 179 4.79 -13.50 15.51
C LEU B 179 4.98 -14.15 16.87
N LYS B 180 5.23 -15.47 16.91
CA LYS B 180 5.49 -16.17 18.16
C LYS B 180 4.33 -16.01 19.14
N LEU B 181 3.10 -16.11 18.60
CA LEU B 181 1.89 -16.16 19.41
C LEU B 181 1.62 -17.61 19.75
N ASN B 182 2.34 -18.11 20.75
CA ASN B 182 2.39 -19.53 21.06
C ASN B 182 1.21 -20.04 21.89
N HIS B 183 0.35 -19.15 22.39
CA HIS B 183 -0.82 -19.52 23.18
C HIS B 183 -2.06 -18.84 22.63
N THR B 184 -2.16 -18.79 21.31
CA THR B 184 -3.28 -18.22 20.58
C THR B 184 -3.83 -19.32 19.68
N TRP B 185 -5.13 -19.57 19.78
CA TRP B 185 -5.72 -20.73 19.12
C TRP B 185 -7.09 -20.37 18.55
N ILE B 186 -7.39 -20.93 17.38
CA ILE B 186 -8.77 -20.96 16.90
C ILE B 186 -9.52 -22.13 17.53
N ASN B 187 -8.85 -23.27 17.66
CA ASN B 187 -9.35 -24.44 18.37
C ASN B 187 -8.37 -24.74 19.49
N VAL B 188 -8.84 -24.62 20.73
CA VAL B 188 -8.00 -24.82 21.93
C VAL B 188 -7.66 -26.29 22.06
N PRO B 189 -6.38 -26.66 22.07
CA PRO B 189 -6.02 -28.08 22.19
C PRO B 189 -6.18 -28.55 23.63
N PRO B 190 -6.24 -29.87 23.84
CA PRO B 190 -6.41 -30.39 25.21
C PRO B 190 -5.39 -29.86 26.22
N ALA B 191 -4.13 -29.71 25.81
CA ALA B 191 -3.09 -29.20 26.70
C ALA B 191 -3.41 -27.82 27.27
N GLU B 192 -4.24 -27.03 26.58
CA GLU B 192 -4.49 -25.66 26.97
C GLU B 192 -5.85 -25.46 27.63
N GLU B 193 -6.68 -26.51 27.71
CA GLU B 193 -8.04 -26.35 28.20
C GLU B 193 -8.07 -25.91 29.66
N LYS B 194 -7.03 -26.24 30.43
CA LYS B 194 -6.96 -25.82 31.84
C LYS B 194 -6.67 -24.33 32.00
N ASN B 195 -6.30 -23.63 30.93
CA ASN B 195 -6.11 -22.19 30.95
C ASN B 195 -7.23 -21.45 30.26
N TYR B 196 -8.17 -22.17 29.65
CA TYR B 196 -9.29 -21.58 28.93
C TYR B 196 -10.30 -21.08 29.96
N ALA B 197 -10.37 -19.76 30.14
CA ALA B 197 -11.30 -19.19 31.09
C ALA B 197 -12.73 -19.49 30.68
N TRP B 198 -13.62 -19.56 31.67
CA TRP B 198 -15.04 -19.58 31.37
C TRP B 198 -15.53 -18.16 31.15
N GLY B 199 -16.46 -18.00 30.21
CA GLY B 199 -17.19 -16.77 30.06
C GLY B 199 -18.40 -16.81 30.99
N TYR B 200 -18.86 -15.63 31.40
CA TYR B 200 -19.97 -15.54 32.34
C TYR B 200 -21.06 -14.64 31.79
N ARG B 201 -22.23 -15.22 31.57
CA ARG B 201 -23.39 -14.53 31.00
C ARG B 201 -24.55 -14.76 31.95
N GLU B 202 -25.00 -13.69 32.62
CA GLU B 202 -25.98 -13.77 33.70
C GLU B 202 -25.64 -14.90 34.67
N GLY B 203 -24.38 -14.92 35.10
CA GLY B 203 -23.91 -15.85 36.10
C GLY B 203 -23.52 -17.24 35.60
N LYS B 204 -24.03 -17.67 34.45
CA LYS B 204 -23.73 -19.01 33.97
C LYS B 204 -22.42 -19.02 33.19
N ALA B 205 -21.59 -20.03 33.46
CA ALA B 205 -20.34 -20.22 32.73
C ALA B 205 -20.60 -20.74 31.33
N VAL B 206 -20.04 -20.06 30.32
CA VAL B 206 -20.32 -20.37 28.92
C VAL B 206 -19.04 -20.30 28.09
N HIS B 207 -19.03 -21.08 27.01
CA HIS B 207 -18.00 -21.02 25.98
C HIS B 207 -18.70 -20.84 24.64
N VAL B 208 -18.02 -20.16 23.72
CA VAL B 208 -18.61 -19.96 22.40
C VAL B 208 -18.82 -21.31 21.72
N SER B 209 -19.94 -21.44 21.00
CA SER B 209 -20.28 -22.69 20.32
C SER B 209 -19.86 -22.63 18.86
N PRO B 210 -19.72 -23.78 18.21
CA PRO B 210 -19.38 -23.78 16.79
C PRO B 210 -20.46 -23.10 15.96
N GLY B 211 -20.04 -22.53 14.84
CA GLY B 211 -20.96 -21.84 13.96
C GLY B 211 -20.29 -21.57 12.63
N ALA B 212 -21.12 -21.24 11.64
CA ALA B 212 -20.61 -20.97 10.30
C ALA B 212 -19.69 -19.75 10.34
N LEU B 213 -18.53 -19.88 9.69
CA LEU B 213 -17.54 -18.80 9.59
C LEU B 213 -17.12 -18.27 10.96
N ASP B 214 -17.21 -19.09 12.01
CA ASP B 214 -16.86 -18.61 13.34
C ASP B 214 -15.38 -18.31 13.47
N ALA B 215 -14.52 -19.18 12.93
CA ALA B 215 -13.08 -18.96 12.98
C ALA B 215 -12.73 -17.61 12.37
N GLU B 216 -13.35 -17.27 11.25
CA GLU B 216 -13.02 -16.06 10.51
C GLU B 216 -13.57 -14.78 11.16
N ALA B 217 -14.72 -14.86 11.84
CA ALA B 217 -15.34 -13.65 12.36
C ALA B 217 -15.15 -13.44 13.85
N TYR B 218 -15.07 -14.52 14.66
CA TYR B 218 -15.07 -14.32 16.11
C TYR B 218 -14.47 -15.48 16.89
N GLY B 219 -13.61 -16.32 16.33
CA GLY B 219 -13.21 -17.54 16.98
C GLY B 219 -11.81 -17.67 17.54
N VAL B 220 -11.05 -16.58 17.67
CA VAL B 220 -9.71 -16.66 18.21
C VAL B 220 -9.77 -16.56 19.74
N LYS B 221 -8.98 -17.40 20.43
CA LYS B 221 -8.76 -17.33 21.87
C LYS B 221 -7.28 -17.04 22.11
N SER B 222 -6.98 -16.20 23.11
CA SER B 222 -5.60 -15.78 23.27
C SER B 222 -5.37 -15.35 24.72
N THR B 223 -4.09 -15.25 25.08
CA THR B 223 -3.66 -14.78 26.39
C THR B 223 -3.31 -13.29 26.34
N ILE B 224 -3.18 -12.68 27.52
CA ILE B 224 -2.80 -11.28 27.54
C ILE B 224 -1.37 -11.08 27.05
N GLU B 225 -0.49 -12.07 27.25
CA GLU B 225 0.87 -11.98 26.71
C GLU B 225 0.86 -11.97 25.19
N ASP B 226 0.16 -12.93 24.58
CA ASP B 226 0.12 -12.99 23.13
C ASP B 226 -0.53 -11.75 22.53
N MET B 227 -1.60 -11.27 23.18
CA MET B 227 -2.26 -10.06 22.67
C MET B 227 -1.36 -8.84 22.79
N ALA B 228 -0.55 -8.75 23.85
CA ALA B 228 0.42 -7.67 23.94
C ALA B 228 1.40 -7.73 22.78
N ARG B 229 1.87 -8.94 22.45
CA ARG B 229 2.76 -9.08 21.31
C ARG B 229 2.04 -8.74 20.01
N TRP B 230 0.75 -9.09 19.92
CA TRP B 230 -0.07 -8.67 18.77
C TRP B 230 -0.13 -7.15 18.65
N VAL B 231 -0.28 -6.43 19.76
CA VAL B 231 -0.31 -4.97 19.66
C VAL B 231 1.06 -4.45 19.26
N GLN B 232 2.13 -4.97 19.89
CA GLN B 232 3.46 -4.53 19.51
C GLN B 232 3.71 -4.74 18.02
N SER B 233 3.19 -5.85 17.47
CA SER B 233 3.44 -6.16 16.07
C SER B 233 2.72 -5.18 15.15
N ASN B 234 1.51 -4.78 15.54
CA ASN B 234 0.77 -3.79 14.76
C ASN B 234 1.24 -2.36 15.02
N LEU B 235 1.86 -2.10 16.17
CA LEU B 235 2.44 -0.78 16.44
C LEU B 235 3.66 -0.52 15.55
N LYS B 236 4.54 -1.50 15.44
CA LYS B 236 5.81 -1.34 14.71
C LYS B 236 5.97 -2.47 13.70
N PRO B 237 5.18 -2.47 12.62
CA PRO B 237 5.25 -3.58 11.67
C PRO B 237 6.61 -3.71 10.97
N LEU B 238 7.43 -2.65 10.97
CA LEU B 238 8.72 -2.74 10.30
C LEU B 238 9.68 -3.67 11.01
N ASP B 239 9.44 -3.97 12.29
CA ASP B 239 10.28 -4.90 13.04
C ASP B 239 10.10 -6.35 12.60
N ILE B 240 9.13 -6.64 11.75
CA ILE B 240 8.71 -8.01 11.48
C ILE B 240 9.52 -8.56 10.30
N ASN B 241 10.18 -9.70 10.53
CA ASN B 241 11.09 -10.28 9.54
C ASN B 241 10.36 -10.71 8.27
N GLU B 242 9.22 -11.37 8.44
CA GLU B 242 8.48 -11.92 7.30
C GLU B 242 7.94 -10.78 6.46
N LYS B 243 8.39 -10.73 5.20
CA LYS B 243 8.10 -9.59 4.34
C LYS B 243 6.61 -9.44 4.08
N THR B 244 5.94 -10.53 3.68
CA THR B 244 4.52 -10.39 3.34
C THR B 244 3.67 -10.10 4.57
N LEU B 245 4.07 -10.58 5.75
CA LEU B 245 3.32 -10.27 6.96
C LEU B 245 3.48 -8.82 7.37
N GLN B 246 4.70 -8.30 7.25
CA GLN B 246 4.93 -6.89 7.49
C GLN B 246 4.03 -6.02 6.59
N GLN B 247 3.98 -6.36 5.30
CA GLN B 247 3.13 -5.59 4.38
C GLN B 247 1.64 -5.84 4.67
N GLY B 248 1.28 -7.06 5.04
CA GLY B 248 -0.11 -7.33 5.39
C GLY B 248 -0.58 -6.51 6.58
N ILE B 249 0.27 -6.36 7.60
CA ILE B 249 -0.11 -5.54 8.74
C ILE B 249 -0.29 -4.08 8.32
N GLN B 250 0.60 -3.57 7.48
CA GLN B 250 0.45 -2.21 6.96
C GLN B 250 -0.82 -2.07 6.14
N LEU B 251 -1.17 -3.09 5.35
CA LEU B 251 -2.38 -3.04 4.53
C LEU B 251 -3.65 -3.02 5.38
N ALA B 252 -3.66 -3.75 6.50
CA ALA B 252 -4.83 -3.79 7.35
C ALA B 252 -5.10 -2.46 8.05
N GLN B 253 -4.10 -1.59 8.20
CA GLN B 253 -4.29 -0.26 8.75
C GLN B 253 -4.40 0.84 7.69
N SER B 254 -4.46 0.47 6.41
CA SER B 254 -4.78 1.46 5.39
C SER B 254 -6.23 1.90 5.55
N ARG B 255 -6.52 3.12 5.10
CA ARG B 255 -7.84 3.72 5.25
C ARG B 255 -8.60 3.60 3.94
N TYR B 256 -9.61 2.73 3.90
CA TYR B 256 -10.34 2.40 2.68
C TYR B 256 -11.65 3.18 2.53
N TRP B 257 -12.28 3.50 3.65
CA TRP B 257 -13.58 4.16 3.70
C TRP B 257 -13.60 5.09 4.89
N GLN B 258 -14.34 6.19 4.75
CA GLN B 258 -14.58 7.09 5.88
C GLN B 258 -16.08 7.18 6.12
N THR B 259 -16.47 7.11 7.40
CA THR B 259 -17.79 7.55 7.86
C THR B 259 -17.60 8.36 9.14
N GLY B 260 -18.05 9.60 9.11
CA GLY B 260 -17.83 10.44 10.28
C GLY B 260 -16.35 10.72 10.44
N ASP B 261 -15.85 10.58 11.67
CA ASP B 261 -14.42 10.71 11.93
C ASP B 261 -13.70 9.37 11.97
N MET B 262 -14.35 8.30 11.48
CA MET B 262 -13.79 6.95 11.56
C MET B 262 -13.42 6.45 10.16
N TYR B 263 -12.29 5.74 10.09
CA TYR B 263 -11.81 5.13 8.85
C TYR B 263 -11.81 3.62 9.02
N GLN B 264 -12.25 2.90 7.99
CA GLN B 264 -12.33 1.44 8.03
C GLN B 264 -11.07 0.85 7.39
N GLY B 265 -10.32 0.06 8.15
CA GLY B 265 -9.24 -0.74 7.62
C GLY B 265 -9.72 -2.16 7.33
N LEU B 266 -8.77 -3.09 7.36
CA LEU B 266 -9.10 -4.51 7.28
C LEU B 266 -9.13 -5.06 8.72
N GLY B 267 -10.34 -5.25 9.25
CA GLY B 267 -10.48 -5.58 10.65
C GLY B 267 -10.33 -4.40 11.58
N TRP B 268 -9.17 -3.75 11.57
CA TRP B 268 -8.94 -2.55 12.37
C TRP B 268 -9.82 -1.39 11.89
N GLU B 269 -10.19 -0.54 12.85
CA GLU B 269 -10.81 0.76 12.63
C GLU B 269 -9.86 1.84 13.18
N MET B 270 -9.86 3.01 12.55
CA MET B 270 -8.88 4.04 12.87
C MET B 270 -9.55 5.41 12.93
N LEU B 271 -9.02 6.26 13.81
CA LEU B 271 -9.35 7.68 13.83
C LEU B 271 -8.05 8.48 13.90
N ASP B 272 -8.10 9.71 13.41
CA ASP B 272 -6.96 10.62 13.56
C ASP B 272 -6.71 10.93 15.03
N TRP B 273 -5.44 10.94 15.43
CA TRP B 273 -5.03 11.31 16.78
C TRP B 273 -4.51 12.74 16.80
N PRO B 274 -4.90 13.57 17.77
CA PRO B 274 -5.76 13.25 18.92
C PRO B 274 -7.23 13.05 18.56
N VAL B 275 -7.91 12.23 19.34
CA VAL B 275 -9.30 11.88 19.08
C VAL B 275 -10.19 12.68 20.00
N ASN B 276 -11.42 12.89 19.55
CA ASN B 276 -12.48 13.31 20.45
C ASN B 276 -12.94 12.08 21.25
N PRO B 277 -12.65 12.02 22.55
CA PRO B 277 -12.99 10.81 23.31
C PRO B 277 -14.48 10.49 23.29
N ASP B 278 -15.34 11.51 23.36
CA ASP B 278 -16.78 11.31 23.25
C ASP B 278 -17.13 10.53 22.00
N SER B 279 -16.41 10.81 20.90
CA SER B 279 -16.70 10.18 19.61
C SER B 279 -16.45 8.68 19.66
N ILE B 280 -15.28 8.24 20.12
CA ILE B 280 -15.01 6.81 20.17
C ILE B 280 -15.80 6.14 21.29
N ILE B 281 -16.01 6.83 22.41
CA ILE B 281 -16.79 6.24 23.50
C ILE B 281 -18.24 6.02 23.06
N ASN B 282 -18.94 7.10 22.69
CA ASN B 282 -20.32 6.96 22.23
C ASN B 282 -20.39 6.14 20.95
N GLY B 283 -19.39 6.29 20.07
CA GLY B 283 -19.38 5.53 18.83
C GLY B 283 -19.30 4.03 19.01
N SER B 284 -18.78 3.58 20.16
CA SER B 284 -18.63 2.15 20.39
C SER B 284 -19.91 1.49 20.92
N ASP B 285 -20.89 2.27 21.37
CA ASP B 285 -22.18 1.71 21.74
C ASP B 285 -22.79 1.02 20.54
N ASN B 286 -23.31 -0.19 20.76
CA ASN B 286 -23.79 -1.03 19.65
C ASN B 286 -24.93 -0.39 18.87
N LYS B 287 -25.68 0.54 19.47
CA LYS B 287 -26.73 1.20 18.70
C LYS B 287 -26.17 2.08 17.59
N ILE B 288 -24.92 2.52 17.72
CA ILE B 288 -24.21 3.21 16.65
C ILE B 288 -23.34 2.24 15.87
N ALA B 289 -22.54 1.43 16.58
CA ALA B 289 -21.52 0.61 15.94
C ALA B 289 -22.13 -0.43 15.00
N LEU B 290 -23.37 -0.84 15.23
CA LEU B 290 -24.03 -1.84 14.41
C LEU B 290 -25.06 -1.25 13.45
N ALA B 291 -25.17 0.08 13.38
CA ALA B 291 -26.11 0.73 12.50
C ALA B 291 -25.46 1.00 11.14
N ALA B 292 -26.27 0.99 10.09
CA ALA B 292 -25.78 1.36 8.76
C ALA B 292 -25.37 2.83 8.72
N ARG B 293 -24.25 3.10 8.05
CA ARG B 293 -23.72 4.44 7.87
C ARG B 293 -23.22 4.59 6.44
N PRO B 294 -23.48 5.74 5.81
CA PRO B 294 -22.93 5.97 4.46
C PRO B 294 -21.42 6.14 4.52
N VAL B 295 -20.74 5.63 3.50
CA VAL B 295 -19.29 5.69 3.44
C VAL B 295 -18.87 6.48 2.21
N LYS B 296 -17.75 7.19 2.32
CA LYS B 296 -17.06 7.78 1.19
C LYS B 296 -15.82 6.96 0.91
N ALA B 297 -15.65 6.56 -0.33
CA ALA B 297 -14.46 5.84 -0.74
C ALA B 297 -13.24 6.73 -0.64
N ILE B 298 -12.14 6.20 -0.11
CA ILE B 298 -10.85 6.87 -0.09
C ILE B 298 -10.09 6.29 -1.28
N THR B 299 -10.00 7.08 -2.35
CA THR B 299 -9.53 6.59 -3.65
C THR B 299 -8.25 7.32 -4.03
N PRO B 300 -7.07 6.69 -3.90
CA PRO B 300 -6.84 5.35 -3.39
C PRO B 300 -6.70 5.37 -1.87
N PRO B 301 -6.69 4.20 -1.24
CA PRO B 301 -6.61 4.15 0.22
C PRO B 301 -5.35 4.82 0.75
N THR B 302 -5.51 5.55 1.84
CA THR B 302 -4.38 6.18 2.52
C THR B 302 -3.57 5.11 3.23
N PRO B 303 -2.24 5.09 3.07
CA PRO B 303 -1.44 4.14 3.84
C PRO B 303 -1.56 4.42 5.33
N ALA B 304 -1.24 3.41 6.13
CA ALA B 304 -1.34 3.49 7.57
C ALA B 304 -0.78 4.80 8.11
N VAL B 305 -1.61 5.51 8.85
CA VAL B 305 -1.27 6.83 9.38
C VAL B 305 -0.78 6.65 10.81
N ARG B 306 0.45 7.11 11.08
CA ARG B 306 1.04 6.84 12.39
C ARG B 306 0.33 7.62 13.49
N ALA B 307 -0.11 8.84 13.21
CA ALA B 307 -0.87 9.62 14.19
C ALA B 307 -2.35 9.20 14.13
N SER B 308 -2.61 8.00 14.65
CA SER B 308 -3.93 7.38 14.62
C SER B 308 -4.22 6.71 15.95
N TRP B 309 -5.51 6.74 16.33
CA TRP B 309 -6.07 5.84 17.34
C TRP B 309 -6.62 4.64 16.57
N VAL B 310 -5.98 3.48 16.70
CA VAL B 310 -6.36 2.25 15.99
C VAL B 310 -6.96 1.30 17.01
N HIS B 311 -8.10 0.70 16.70
CA HIS B 311 -8.77 -0.02 17.77
C HIS B 311 -9.80 -1.00 17.24
N LYS B 312 -10.22 -1.89 18.13
CA LYS B 312 -11.29 -2.85 17.82
C LYS B 312 -11.89 -3.35 19.12
N THR B 313 -13.22 -3.34 19.20
CA THR B 313 -13.96 -4.00 20.28
C THR B 313 -14.31 -5.43 19.89
N GLY B 314 -14.51 -6.27 20.90
CA GLY B 314 -14.90 -7.65 20.64
C GLY B 314 -15.72 -8.20 21.78
N ALA B 315 -16.64 -9.10 21.45
CA ALA B 315 -17.47 -9.73 22.47
C ALA B 315 -17.84 -11.13 22.02
N THR B 316 -18.07 -11.99 23.00
CA THR B 316 -18.86 -13.19 22.77
C THR B 316 -20.00 -13.21 23.79
N GLY B 317 -20.72 -14.33 23.84
CA GLY B 317 -21.76 -14.46 24.85
C GLY B 317 -21.25 -14.18 26.25
N GLY B 318 -20.04 -14.66 26.57
CA GLY B 318 -19.52 -14.51 27.92
C GLY B 318 -18.22 -13.73 28.09
N PHE B 319 -17.76 -13.03 27.04
CA PHE B 319 -16.46 -12.37 27.10
C PHE B 319 -16.58 -10.96 26.52
N GLY B 320 -15.62 -10.12 26.88
CA GLY B 320 -15.57 -8.78 26.35
C GLY B 320 -14.15 -8.30 26.27
N SER B 321 -13.74 -7.83 25.09
CA SER B 321 -12.34 -7.49 24.87
C SER B 321 -12.26 -6.13 24.19
N TYR B 322 -11.08 -5.52 24.30
CA TYR B 322 -10.83 -4.26 23.62
C TYR B 322 -9.31 -4.15 23.38
N VAL B 323 -8.95 -3.59 22.23
CA VAL B 323 -7.57 -3.33 21.89
C VAL B 323 -7.52 -1.93 21.27
N ALA B 324 -6.53 -1.13 21.67
CA ALA B 324 -6.35 0.19 21.07
C ALA B 324 -4.88 0.56 21.15
N PHE B 325 -4.39 1.24 20.12
CA PHE B 325 -2.99 1.68 20.14
C PHE B 325 -2.81 2.91 19.26
N ILE B 326 -1.74 3.64 19.54
CA ILE B 326 -1.39 4.86 18.82
C ILE B 326 0.02 4.70 18.30
N PRO B 327 0.20 4.42 17.00
CA PRO B 327 1.56 4.16 16.49
C PRO B 327 2.53 5.29 16.77
N GLU B 328 2.12 6.55 16.56
CA GLU B 328 3.00 7.68 16.76
C GLU B 328 3.59 7.75 18.17
N LYS B 329 2.92 7.16 19.16
CA LYS B 329 3.34 7.27 20.55
C LYS B 329 3.96 5.99 21.08
N GLU B 330 4.00 4.93 20.29
CA GLU B 330 4.49 3.62 20.73
C GLU B 330 3.72 3.15 21.96
N LEU B 331 2.40 3.37 21.92
CA LEU B 331 1.52 3.23 23.07
C LEU B 331 0.31 2.38 22.71
N GLY B 332 -0.08 1.47 23.60
CA GLY B 332 -1.30 0.71 23.36
C GLY B 332 -1.75 -0.03 24.58
N ILE B 333 -2.94 -0.65 24.46
CA ILE B 333 -3.58 -1.30 25.60
C ILE B 333 -4.42 -2.47 25.09
N VAL B 334 -4.45 -3.54 25.88
CA VAL B 334 -5.35 -4.67 25.67
C VAL B 334 -6.12 -4.90 26.95
N MET B 335 -7.43 -5.09 26.83
CA MET B 335 -8.28 -5.40 27.98
C MET B 335 -9.10 -6.65 27.64
N LEU B 336 -8.91 -7.71 28.41
CA LEU B 336 -9.64 -8.96 28.23
C LEU B 336 -10.40 -9.29 29.50
N ALA B 337 -11.70 -9.57 29.37
CA ALA B 337 -12.56 -9.85 30.51
C ALA B 337 -13.47 -11.02 30.21
N ASN B 338 -13.73 -11.87 31.20
CA ASN B 338 -14.69 -12.97 30.99
C ASN B 338 -16.10 -12.59 31.41
N LYS B 339 -16.51 -11.37 31.04
CA LYS B 339 -17.91 -10.97 31.00
C LYS B 339 -18.05 -9.96 29.86
N ASN B 340 -19.19 -10.02 29.17
CA ASN B 340 -19.51 -9.08 28.08
C ASN B 340 -20.19 -7.85 28.65
N TYR B 341 -19.41 -6.86 29.03
CA TYR B 341 -19.94 -5.63 29.58
C TYR B 341 -19.93 -4.52 28.52
N PRO B 342 -20.71 -3.44 28.70
CA PRO B 342 -20.92 -2.50 27.60
C PRO B 342 -19.62 -1.91 27.05
N ASN B 343 -19.56 -1.79 25.72
CA ASN B 343 -18.39 -1.24 25.03
C ASN B 343 -17.97 0.15 25.52
N PRO B 344 -18.87 1.12 25.70
CA PRO B 344 -18.41 2.46 26.13
C PRO B 344 -17.60 2.45 27.42
N ALA B 345 -17.89 1.52 28.33
CA ALA B 345 -17.11 1.43 29.56
C ALA B 345 -15.67 0.98 29.30
N ARG B 346 -15.47 0.08 28.31
CA ARG B 346 -14.12 -0.35 27.96
C ARG B 346 -13.34 0.78 27.30
N VAL B 347 -13.98 1.49 26.37
CA VAL B 347 -13.29 2.55 25.64
C VAL B 347 -12.96 3.70 26.57
N ASP B 348 -13.90 4.05 27.45
CA ASP B 348 -13.63 5.13 28.40
C ASP B 348 -12.42 4.82 29.27
N ALA B 349 -12.37 3.59 29.81
CA ALA B 349 -11.22 3.18 30.61
C ALA B 349 -9.94 3.21 29.80
N ALA B 350 -9.97 2.69 28.57
CA ALA B 350 -8.77 2.67 27.74
C ALA B 350 -8.33 4.08 27.38
N TRP B 351 -9.28 4.98 27.12
CA TRP B 351 -8.91 6.36 26.82
C TRP B 351 -8.31 7.05 28.04
N GLN B 352 -8.88 6.84 29.20
CA GLN B 352 -8.32 7.39 30.44
C GLN B 352 -6.87 6.98 30.60
N ILE B 353 -6.58 5.70 30.40
CA ILE B 353 -5.24 5.18 30.63
C ILE B 353 -4.27 5.73 29.58
N LEU B 354 -4.64 5.63 28.29
CA LEU B 354 -3.68 6.05 27.24
C LEU B 354 -3.51 7.57 27.22
N ASN B 355 -4.58 8.33 27.44
CA ASN B 355 -4.46 9.79 27.49
C ASN B 355 -3.52 10.23 28.61
N ALA B 356 -3.53 9.51 29.74
CA ALA B 356 -2.67 9.89 30.86
C ALA B 356 -1.20 9.61 30.56
N LEU B 357 -0.92 8.55 29.81
CA LEU B 357 0.46 8.13 29.55
C LEU B 357 1.05 8.77 28.31
N GLN B 358 0.22 9.31 27.44
CA GLN B 358 0.67 9.83 26.15
C GLN B 358 1.52 11.09 26.31
C10 H7M C . 11.52 15.93 -27.40
C13 H7M C . 10.84 14.78 -25.00
C20 H7M C . 6.74 11.40 -25.46
C21 H7M C . 7.48 10.21 -25.26
C22 H7M C . 8.60 10.20 -24.45
C24 H7M C . 9.02 11.36 -23.83
C01 H7M C . 9.41 19.51 -23.73
C03 H7M C . 11.41 20.80 -24.37
C06 H7M C . 11.74 18.74 -23.91
C08 H7M C . 11.29 16.09 -25.02
C09 H7M C . 11.64 16.68 -26.21
C11 H7M C . 11.06 14.63 -27.36
C12 H7M C . 10.72 14.03 -26.17
C18 H7M C . 8.26 12.54 -24.04
C19 H7M C . 7.14 12.56 -24.85
N02 H7M C . 10.82 19.68 -23.99
N04 H7M C . 12.70 20.56 -24.51
N05 H7M C . 12.91 19.26 -24.22
N14 H7M C . 10.51 14.21 -23.68
O16 H7M C . 8.88 14.04 -21.75
O17 H7M C . 8.12 15.23 -23.64
O25 H7M C . 10.20 11.45 -22.97
S07 H7M C . 11.44 16.98 -23.44
S15 H7M C . 8.88 14.05 -23.22
CL2 H7M C . 9.46 8.65 -24.24
C10 H7M D . -22.59 -12.57 21.49
C13 H7M D . -20.66 -11.84 19.68
C20 H7M D . -21.53 -6.87 18.08
C21 H7M D . -20.48 -6.25 18.79
C22 H7M D . -19.30 -6.93 19.05
C24 H7M D . -19.15 -8.21 18.61
C01 H7M D . -22.49 -15.50 16.43
C03 H7M D . -22.65 -17.44 17.94
C06 H7M D . -21.28 -15.90 18.54
C08 H7M D . -21.08 -13.15 19.74
C09 H7M D . -22.04 -13.54 20.63
C11 H7M D . -22.17 -11.26 21.45
C12 H7M D . -21.20 -10.88 20.54
C18 H7M D . -20.21 -8.84 17.89
C19 H7M D . -21.39 -8.17 17.64
N02 H7M D . -22.15 -16.26 17.61
N04 H7M D . -22.11 -17.81 19.08
N05 H7M D . -21.24 -16.83 19.47
N14 H7M D . -19.62 -11.50 18.72
O16 H7M D . -18.82 -10.75 16.41
O17 H7M D . -21.10 -11.15 16.64
O25 H7M D . -17.92 -8.96 18.87
S07 H7M D . -20.30 -14.34 18.56
S15 H7M D . -19.94 -10.58 17.34
CL2 H7M D . -17.98 -6.12 19.95
#